data_5F7X
#
_entry.id   5F7X
#
_cell.length_a   74.360
_cell.length_b   81.900
_cell.length_c   81.730
_cell.angle_alpha   90.00
_cell.angle_beta   102.16
_cell.angle_gamma   90.00
#
_symmetry.space_group_name_H-M   'P 1 21 1'
#
loop_
_entity.id
_entity.type
_entity.pdbx_description
1 polymer 'Methylthioadenosine phosphorylase'
2 non-polymer "'2-(4-AMINO-PYRROLO[2,3-D]PYRIMIDIN-7-YL)-5-HYDROXYMETHYL-TETRAHYDRO-FURAN-3,4-DIOL"
3 non-polymer 'SULFATE ION'
4 water water
#
_entity_poly.entity_id   1
_entity_poly.type   'polypeptide(L)'
_entity_poly.pdbx_seq_one_letter_code
;MGSSHHHHHHSSGLVPRGSHMMSKVKVGIIGGSGFDDPNLFKKVGVRQVTTPFGKPSDTLVEGFVGDVACVVLPRHGKGH
LIPPSEVNYRANVWALKDLGCTHILATNACGSLQEDLVPGDFVVLNQFMDKTWGRENTFYGSKPDSLKGVLHMPMAEPFC
ERTRQILIQAARNKSINVYDKKTMDKSACIHPCVHAEGSAVTINGPRFSTRCESFIHKAMGLDIVNMTLVPEVSLAREAG
LSYASIAIVTDFDCWKSEEEHVCVDMVLEQFRKSVVHVREILLEAVALIGAEDWTKTIEANKALVMSSRLDLLHQGSNDK
;
_entity_poly.pdbx_strand_id   A,B,C
#
# COMPACT_ATOMS: atom_id res chain seq x y z
N LYS A 24 38.21 0.06 -14.71
CA LYS A 24 37.82 -1.34 -14.72
C LYS A 24 36.33 -1.49 -14.39
N VAL A 25 35.62 -2.25 -15.23
CA VAL A 25 34.19 -2.45 -15.06
C VAL A 25 33.91 -3.94 -14.90
N LYS A 26 32.78 -4.25 -14.27
CA LYS A 26 32.38 -5.63 -14.03
C LYS A 26 30.86 -5.64 -13.92
N VAL A 27 30.21 -6.46 -14.74
CA VAL A 27 28.77 -6.39 -14.93
C VAL A 27 28.10 -7.58 -14.26
N GLY A 28 27.21 -7.29 -13.29
CA GLY A 28 26.32 -8.30 -12.77
C GLY A 28 25.02 -8.36 -13.58
N ILE A 29 24.47 -9.57 -13.68
CA ILE A 29 23.22 -9.80 -14.42
C ILE A 29 22.27 -10.54 -13.48
N ILE A 30 21.14 -9.91 -13.15
CA ILE A 30 20.12 -10.54 -12.31
C ILE A 30 19.01 -11.05 -13.21
N GLY A 31 18.80 -12.36 -13.20
CA GLY A 31 17.96 -13.03 -14.19
C GLY A 31 16.57 -13.33 -13.67
N GLY A 32 15.58 -13.06 -14.52
CA GLY A 32 14.18 -13.20 -14.16
C GLY A 32 13.68 -14.63 -14.07
N SER A 33 12.45 -14.88 -14.53
CA SER A 33 11.81 -16.17 -14.40
C SER A 33 12.65 -17.30 -14.98
N GLY A 34 12.69 -17.42 -16.31
CA GLY A 34 13.49 -18.44 -16.96
C GLY A 34 14.98 -18.09 -17.00
N PHE A 35 15.60 -18.02 -15.83
CA PHE A 35 17.03 -17.76 -15.71
C PHE A 35 17.55 -18.34 -14.41
N PHE A 41 27.90 -18.17 -21.15
CA PHE A 41 29.13 -17.52 -21.63
C PHE A 41 30.37 -18.40 -21.42
N LYS A 42 31.50 -17.75 -21.14
CA LYS A 42 32.73 -18.45 -20.79
C LYS A 42 32.79 -18.58 -19.27
N LYS A 43 32.24 -19.68 -18.76
CA LYS A 43 32.00 -19.85 -17.32
C LYS A 43 33.27 -20.34 -16.63
N VAL A 44 33.70 -19.59 -15.62
CA VAL A 44 34.88 -20.01 -14.83
C VAL A 44 34.47 -20.86 -13.64
N GLY A 45 33.49 -20.41 -12.87
CA GLY A 45 33.08 -21.18 -11.70
C GLY A 45 31.82 -20.64 -11.08
N VAL A 46 31.40 -21.31 -10.02
CA VAL A 46 30.19 -21.00 -9.26
C VAL A 46 30.62 -20.59 -7.85
N ARG A 47 29.96 -19.58 -7.29
CA ARG A 47 30.38 -19.04 -6.02
C ARG A 47 29.21 -18.86 -5.06
N GLN A 48 29.41 -19.29 -3.82
CA GLN A 48 28.50 -19.02 -2.72
C GLN A 48 29.02 -17.83 -1.91
N VAL A 49 28.17 -16.85 -1.65
CA VAL A 49 28.60 -15.68 -0.89
C VAL A 49 27.65 -15.45 0.27
N THR A 50 28.17 -14.85 1.33
CA THR A 50 27.37 -14.36 2.45
C THR A 50 27.42 -12.83 2.46
N THR A 51 26.38 -12.25 3.04
CA THR A 51 26.12 -10.83 3.02
C THR A 51 25.71 -10.41 4.41
N PRO A 52 25.88 -9.12 4.78
CA PRO A 52 25.36 -8.66 6.09
C PRO A 52 23.85 -8.79 6.23
N PHE A 53 23.14 -9.00 5.13
CA PHE A 53 21.68 -9.03 5.10
C PHE A 53 21.14 -10.42 4.76
N GLY A 54 21.95 -11.45 4.90
CA GLY A 54 21.52 -12.81 4.62
C GLY A 54 22.15 -13.34 3.34
N LYS A 55 21.67 -14.56 2.94
CA LYS A 55 22.17 -15.27 1.77
C LYS A 55 21.45 -14.80 0.50
N PRO A 56 22.18 -14.65 -0.60
CA PRO A 56 21.52 -14.37 -1.88
C PRO A 56 20.59 -15.50 -2.31
N SER A 57 19.81 -15.25 -3.36
CA SER A 57 18.83 -16.24 -3.83
C SER A 57 19.47 -17.58 -4.18
N ASP A 58 20.71 -17.56 -4.66
CA ASP A 58 21.36 -18.78 -5.15
C ASP A 58 22.85 -18.48 -5.24
N THR A 59 23.63 -19.51 -5.58
CA THR A 59 25.02 -19.27 -5.95
C THR A 59 25.08 -18.38 -7.20
N LEU A 60 26.25 -17.81 -7.46
CA LEU A 60 26.48 -16.88 -8.56
C LEU A 60 27.45 -17.49 -9.56
N VAL A 61 27.18 -17.30 -10.85
CA VAL A 61 28.04 -17.84 -11.90
C VAL A 61 28.99 -16.75 -12.36
N GLU A 62 30.29 -17.02 -12.26
CA GLU A 62 31.34 -16.06 -12.58
C GLU A 62 31.96 -16.41 -13.93
N GLY A 63 32.14 -15.41 -14.79
CA GLY A 63 32.81 -15.65 -16.04
C GLY A 63 33.25 -14.40 -16.76
N PHE A 64 33.40 -14.50 -18.09
CA PHE A 64 33.84 -13.38 -18.92
C PHE A 64 33.02 -13.33 -20.20
N VAL A 65 32.79 -12.10 -20.66
CA VAL A 65 32.31 -11.83 -22.01
C VAL A 65 33.42 -11.04 -22.69
N GLY A 66 34.13 -11.66 -23.61
CA GLY A 66 35.38 -11.07 -24.07
C GLY A 66 36.31 -10.97 -22.88
N ASP A 67 36.81 -9.77 -22.59
CA ASP A 67 37.65 -9.53 -21.43
C ASP A 67 36.90 -8.92 -20.25
N VAL A 68 35.59 -8.77 -20.35
CA VAL A 68 34.80 -8.11 -19.31
C VAL A 68 34.30 -9.16 -18.33
N ALA A 69 34.67 -9.00 -17.06
CA ALA A 69 34.16 -9.89 -16.01
C ALA A 69 32.66 -9.73 -15.84
N CYS A 70 31.98 -10.86 -15.66
CA CYS A 70 30.52 -10.88 -15.59
C CYS A 70 30.11 -11.89 -14.52
N VAL A 71 29.01 -11.60 -13.82
CA VAL A 71 28.48 -12.44 -12.76
C VAL A 71 26.98 -12.53 -12.96
N VAL A 72 26.44 -13.75 -12.97
CA VAL A 72 25.02 -13.98 -13.23
C VAL A 72 24.35 -14.52 -11.96
N LEU A 73 23.23 -13.91 -11.58
CA LEU A 73 22.50 -14.31 -10.38
C LEU A 73 21.02 -14.48 -10.69
N PRO A 74 20.47 -15.70 -10.59
CA PRO A 74 19.03 -15.87 -10.75
C PRO A 74 18.27 -15.33 -9.54
N ARG A 75 17.21 -14.58 -9.83
CA ARG A 75 16.47 -13.89 -8.76
C ARG A 75 15.71 -14.87 -7.87
N HIS A 76 15.13 -15.94 -8.45
CA HIS A 76 14.23 -16.81 -7.69
C HIS A 76 14.86 -18.14 -7.26
N GLY A 77 16.16 -18.33 -7.45
CA GLY A 77 16.78 -19.59 -7.13
C GLY A 77 16.50 -20.67 -8.17
N LYS A 78 17.21 -21.79 -8.04
CA LYS A 78 17.25 -22.78 -9.10
C LYS A 78 15.88 -23.42 -9.34
N GLY A 79 15.22 -23.86 -8.27
CA GLY A 79 13.89 -24.44 -8.43
C GLY A 79 12.77 -23.42 -8.55
N HIS A 80 13.11 -22.14 -8.68
CA HIS A 80 12.12 -21.04 -8.70
C HIS A 80 11.18 -21.13 -7.51
N LEU A 81 11.73 -21.46 -6.35
CA LEU A 81 10.95 -21.65 -5.13
C LEU A 81 10.69 -20.37 -4.34
N ILE A 82 11.33 -19.25 -4.69
CA ILE A 82 11.24 -18.03 -3.89
C ILE A 82 10.32 -17.05 -4.62
N PRO A 83 9.17 -16.70 -4.04
CA PRO A 83 8.26 -15.75 -4.70
C PRO A 83 8.78 -14.32 -4.58
N PRO A 84 8.31 -13.42 -5.45
CA PRO A 84 8.84 -12.05 -5.49
C PRO A 84 8.90 -11.33 -4.15
N SER A 85 7.85 -11.46 -3.33
CA SER A 85 7.84 -10.73 -2.05
C SER A 85 8.89 -11.24 -1.07
N GLU A 86 9.40 -12.47 -1.26
CA GLU A 86 10.38 -13.04 -0.34
C GLU A 86 11.81 -13.07 -0.88
N VAL A 87 12.04 -12.58 -2.09
CA VAL A 87 13.40 -12.48 -2.61
C VAL A 87 14.21 -11.55 -1.73
N ASN A 88 15.44 -11.96 -1.38
CA ASN A 88 16.32 -11.11 -0.58
C ASN A 88 17.06 -10.17 -1.53
N TYR A 89 16.35 -9.09 -1.91
CA TYR A 89 16.92 -8.08 -2.80
C TYR A 89 18.19 -7.46 -2.20
N ARG A 90 18.20 -7.21 -0.88
CA ARG A 90 19.37 -6.61 -0.27
C ARG A 90 20.60 -7.51 -0.45
N ALA A 91 20.46 -8.79 -0.16
CA ALA A 91 21.60 -9.72 -0.27
C ALA A 91 22.03 -9.90 -1.72
N ASN A 92 21.07 -9.92 -2.66
CA ASN A 92 21.45 -10.08 -4.06
C ASN A 92 22.26 -8.87 -4.55
N VAL A 93 21.78 -7.67 -4.25
CA VAL A 93 22.50 -6.46 -4.69
C VAL A 93 23.83 -6.32 -3.97
N TRP A 94 23.85 -6.54 -2.64
CA TRP A 94 25.10 -6.37 -1.90
C TRP A 94 26.14 -7.39 -2.32
N ALA A 95 25.70 -8.63 -2.61
CA ALA A 95 26.63 -9.66 -3.10
C ALA A 95 27.34 -9.20 -4.36
N LEU A 96 26.60 -8.58 -5.28
CA LEU A 96 27.22 -8.11 -6.51
C LEU A 96 28.14 -6.91 -6.25
N LYS A 97 27.72 -6.03 -5.35
CA LYS A 97 28.60 -4.94 -4.92
C LYS A 97 29.91 -5.47 -4.36
N ASP A 98 29.81 -6.46 -3.46
CA ASP A 98 31.01 -6.98 -2.81
C ASP A 98 31.92 -7.72 -3.78
N LEU A 99 31.37 -8.29 -4.86
CA LEU A 99 32.22 -8.92 -5.87
C LEU A 99 32.85 -7.92 -6.83
N GLY A 100 32.62 -6.62 -6.64
CA GLY A 100 33.26 -5.61 -7.46
C GLY A 100 32.47 -5.16 -8.66
N CYS A 101 31.19 -5.50 -8.74
CA CYS A 101 30.40 -5.06 -9.88
C CYS A 101 30.27 -3.55 -9.87
N THR A 102 30.34 -2.94 -11.05
CA THR A 102 30.04 -1.53 -11.23
C THR A 102 28.67 -1.31 -11.83
N HIS A 103 28.12 -2.34 -12.47
CA HIS A 103 26.88 -2.27 -13.22
C HIS A 103 26.04 -3.49 -12.88
N ILE A 104 24.72 -3.32 -12.87
CA ILE A 104 23.79 -4.44 -12.83
C ILE A 104 22.81 -4.28 -13.99
N LEU A 105 22.72 -5.32 -14.83
CA LEU A 105 21.67 -5.43 -15.84
C LEU A 105 20.65 -6.45 -15.33
N ALA A 106 19.37 -6.09 -15.37
CA ALA A 106 18.33 -6.94 -14.82
C ALA A 106 17.25 -7.20 -15.87
N THR A 107 16.70 -8.41 -15.87
CA THR A 107 15.52 -8.72 -16.66
C THR A 107 14.34 -8.98 -15.73
N ASN A 108 13.13 -8.65 -16.20
CA ASN A 108 11.92 -8.72 -15.39
C ASN A 108 10.75 -9.07 -16.30
N ALA A 109 10.14 -10.24 -16.11
CA ALA A 109 8.93 -10.56 -16.87
C ALA A 109 7.79 -9.64 -16.44
N CYS A 110 6.86 -9.36 -17.37
CA CYS A 110 5.84 -8.36 -17.06
C CYS A 110 4.63 -8.53 -17.96
N GLY A 111 3.54 -7.90 -17.56
CA GLY A 111 2.33 -7.80 -18.37
C GLY A 111 2.17 -6.40 -18.96
N SER A 112 1.67 -6.34 -20.19
CA SER A 112 1.44 -5.05 -20.82
C SER A 112 0.11 -4.45 -20.44
N LEU A 113 0.10 -3.14 -20.20
CA LEU A 113 -1.12 -2.39 -19.95
C LEU A 113 -1.55 -1.54 -21.14
N GLN A 114 -0.89 -1.69 -22.29
CA GLN A 114 -1.07 -0.76 -23.40
C GLN A 114 -1.04 -1.52 -24.73
N GLU A 115 -1.83 -1.03 -25.68
CA GLU A 115 -2.09 -1.75 -26.94
C GLU A 115 -0.81 -2.02 -27.71
N ASP A 116 0.15 -1.09 -27.69
CA ASP A 116 1.31 -1.20 -28.57
C ASP A 116 2.47 -1.97 -27.95
N LEU A 117 2.35 -2.39 -26.70
CA LEU A 117 3.34 -3.25 -26.06
C LEU A 117 2.75 -4.65 -26.06
N VAL A 118 3.26 -5.53 -26.91
CA VAL A 118 2.60 -6.82 -27.14
C VAL A 118 3.55 -7.92 -26.66
N PRO A 119 3.01 -9.10 -26.36
CA PRO A 119 3.87 -10.21 -25.94
C PRO A 119 4.99 -10.46 -26.94
N GLY A 120 6.21 -10.63 -26.42
CA GLY A 120 7.40 -10.75 -27.23
C GLY A 120 8.20 -9.47 -27.35
N ASP A 121 7.61 -8.33 -27.01
CA ASP A 121 8.31 -7.07 -26.93
C ASP A 121 9.16 -6.99 -25.65
N PHE A 122 10.03 -5.98 -25.61
CA PHE A 122 10.86 -5.66 -24.46
C PHE A 122 10.72 -4.17 -24.15
N VAL A 123 10.97 -3.78 -22.90
CA VAL A 123 10.90 -2.39 -22.49
C VAL A 123 12.16 -2.06 -21.70
N VAL A 124 12.91 -1.06 -22.14
CA VAL A 124 14.00 -0.50 -21.33
C VAL A 124 13.35 0.60 -20.48
N LEU A 125 12.95 0.21 -19.26
CA LEU A 125 12.17 1.09 -18.40
C LEU A 125 12.95 2.34 -18.03
N ASN A 126 12.23 3.46 -17.84
CA ASN A 126 12.82 4.65 -17.25
C ASN A 126 12.08 5.18 -16.03
N GLN A 127 10.92 4.60 -15.67
CA GLN A 127 10.11 5.08 -14.55
C GLN A 127 9.40 3.93 -13.88
N PHE A 128 8.92 4.19 -12.65
CA PHE A 128 8.09 3.18 -11.99
C PHE A 128 7.16 3.82 -10.96
N MET A 129 6.12 3.06 -10.59
CA MET A 129 5.24 3.38 -9.47
C MET A 129 5.22 2.17 -8.56
N ASP A 130 5.51 2.40 -7.27
CA ASP A 130 5.71 1.34 -6.30
C ASP A 130 4.42 1.02 -5.56
N LYS A 131 3.97 -0.24 -5.65
CA LYS A 131 2.91 -0.75 -4.79
C LYS A 131 3.37 -1.95 -3.96
N THR A 132 4.68 -2.11 -3.77
CA THR A 132 5.16 -3.19 -2.89
C THR A 132 5.09 -2.75 -1.44
N TRP A 133 5.16 -3.74 -0.54
CA TRP A 133 5.13 -3.49 0.90
C TRP A 133 5.76 -4.71 1.57
N GLY A 134 6.23 -4.53 2.80
CA GLY A 134 6.76 -5.64 3.56
C GLY A 134 8.11 -6.18 3.11
N ARG A 135 8.73 -5.58 2.10
CA ARG A 135 10.06 -5.98 1.63
C ARG A 135 11.14 -5.09 2.23
N GLU A 136 12.30 -5.67 2.51
CA GLU A 136 13.43 -4.86 2.98
C GLU A 136 13.93 -4.01 1.81
N ASN A 137 13.74 -2.70 1.88
CA ASN A 137 13.99 -1.87 0.70
C ASN A 137 15.08 -0.83 0.90
N THR A 138 15.80 -0.87 2.02
CA THR A 138 16.95 0.02 2.20
C THR A 138 18.01 -0.71 3.01
N PHE A 139 19.28 -0.40 2.73
CA PHE A 139 20.37 -0.97 3.51
C PHE A 139 20.56 -0.29 4.87
N TYR A 140 19.92 0.86 5.11
CA TYR A 140 20.26 1.71 6.25
C TYR A 140 19.06 1.94 7.17
N GLY A 141 19.34 2.11 8.46
CA GLY A 141 18.29 2.39 9.41
C GLY A 141 18.82 2.49 10.82
N SER A 142 17.92 2.36 11.80
CA SER A 142 18.28 2.41 13.20
C SER A 142 18.16 1.06 13.92
N LYS A 143 17.71 0.00 13.21
CA LYS A 143 17.65 -1.34 13.77
C LYS A 143 18.96 -2.08 13.55
N PRO A 144 19.30 -3.05 14.41
CA PRO A 144 20.62 -3.70 14.31
C PRO A 144 20.82 -4.52 13.06
N ASP A 145 19.76 -4.92 12.36
CA ASP A 145 19.89 -5.73 11.15
C ASP A 145 20.08 -4.91 9.89
N SER A 146 20.36 -3.61 10.03
CA SER A 146 20.64 -2.72 8.91
C SER A 146 21.90 -1.94 9.21
N LEU A 147 22.47 -1.30 8.18
CA LEU A 147 23.62 -0.44 8.39
C LEU A 147 23.21 0.84 9.10
N LYS A 148 24.07 1.32 10.00
CA LYS A 148 23.75 2.52 10.76
C LYS A 148 23.76 3.76 9.86
N GLY A 149 22.68 4.50 9.88
CA GLY A 149 22.57 5.70 9.08
C GLY A 149 21.13 5.95 8.68
N VAL A 150 20.93 7.10 8.04
CA VAL A 150 19.65 7.45 7.42
C VAL A 150 19.95 7.91 6.01
N LEU A 151 19.58 7.11 5.02
CA LEU A 151 19.86 7.39 3.62
C LEU A 151 18.54 7.75 2.93
N HIS A 152 18.42 9.00 2.50
CA HIS A 152 17.25 9.49 1.75
C HIS A 152 17.71 9.75 0.32
N MET A 153 17.53 8.75 -0.59
CA MET A 153 18.07 8.78 -1.96
C MET A 153 17.10 9.47 -2.92
N PRO A 154 17.56 10.44 -3.71
CA PRO A 154 16.74 10.94 -4.83
C PRO A 154 16.46 9.83 -5.83
N MET A 155 15.24 9.84 -6.38
CA MET A 155 14.81 8.79 -7.29
C MET A 155 13.99 9.32 -8.46
N ALA A 156 14.11 10.62 -8.77
CA ALA A 156 13.33 11.23 -9.85
C ALA A 156 13.41 10.40 -11.13
N GLU A 157 14.63 10.16 -11.61
CA GLU A 157 14.88 9.28 -12.75
C GLU A 157 15.71 8.12 -12.20
N PRO A 158 15.07 7.01 -11.85
CA PRO A 158 15.71 6.06 -10.92
C PRO A 158 16.71 5.10 -11.54
N PHE A 159 16.90 5.10 -12.86
CA PHE A 159 17.86 4.22 -13.52
C PHE A 159 19.13 4.99 -13.89
N CYS A 160 20.17 4.24 -14.27
CA CYS A 160 21.37 4.85 -14.85
C CYS A 160 21.12 5.07 -16.34
N GLU A 161 21.01 6.34 -16.75
CA GLU A 161 20.61 6.66 -18.11
C GLU A 161 21.64 6.16 -19.13
N ARG A 162 22.94 6.35 -18.84
CA ARG A 162 23.97 5.83 -19.74
C ARG A 162 23.77 4.36 -20.02
N THR A 163 23.46 3.59 -18.97
CA THR A 163 23.31 2.14 -19.11
C THR A 163 22.01 1.78 -19.82
N ARG A 164 20.94 2.56 -19.58
CA ARG A 164 19.73 2.39 -20.36
C ARG A 164 20.02 2.51 -21.85
N GLN A 165 20.74 3.57 -22.25
CA GLN A 165 21.05 3.75 -23.66
C GLN A 165 21.97 2.67 -24.21
N ILE A 166 22.79 2.03 -23.35
CA ILE A 166 23.57 0.87 -23.79
C ILE A 166 22.67 -0.29 -24.16
N LEU A 167 21.64 -0.56 -23.34
CA LEU A 167 20.70 -1.62 -23.65
C LEU A 167 19.98 -1.36 -24.97
N ILE A 168 19.58 -0.11 -25.21
CA ILE A 168 18.88 0.20 -26.46
C ILE A 168 19.83 0.04 -27.66
N GLN A 169 21.05 0.57 -27.55
CA GLN A 169 21.99 0.43 -28.66
C GLN A 169 22.35 -1.02 -28.91
N ALA A 170 22.41 -1.83 -27.84
CA ALA A 170 22.69 -3.25 -27.99
C ALA A 170 21.63 -3.92 -28.85
N ALA A 171 20.36 -3.53 -28.67
CA ALA A 171 19.29 -4.10 -29.49
C ALA A 171 19.45 -3.68 -30.95
N ARG A 172 19.78 -2.41 -31.19
CA ARG A 172 20.08 -1.98 -32.55
C ARG A 172 21.19 -2.83 -33.17
N ASN A 173 22.27 -3.07 -32.41
CA ASN A 173 23.40 -3.83 -32.93
C ASN A 173 23.04 -5.27 -33.23
N LYS A 174 21.98 -5.81 -32.64
CA LYS A 174 21.55 -7.17 -32.89
C LYS A 174 20.34 -7.23 -33.82
N SER A 175 20.08 -6.14 -34.56
CA SER A 175 19.02 -6.09 -35.58
C SER A 175 17.62 -6.30 -34.99
N ILE A 176 17.41 -5.85 -33.75
CA ILE A 176 16.11 -5.89 -33.12
C ILE A 176 15.52 -4.49 -33.18
N ASN A 177 14.28 -4.39 -33.64
CA ASN A 177 13.62 -3.09 -33.82
C ASN A 177 13.52 -2.33 -32.50
N VAL A 178 13.66 -1.01 -32.59
CA VAL A 178 13.53 -0.12 -31.44
C VAL A 178 12.42 0.87 -31.72
N TYR A 179 11.48 0.97 -30.79
CA TYR A 179 10.32 1.83 -30.93
C TYR A 179 10.41 2.93 -29.89
N ASP A 180 10.42 4.18 -30.36
CA ASP A 180 10.51 5.36 -29.50
C ASP A 180 9.21 6.14 -29.68
N LYS A 181 8.30 6.06 -28.70
CA LYS A 181 7.03 6.77 -28.84
C LYS A 181 7.19 8.29 -28.84
N LYS A 182 8.35 8.82 -28.45
CA LYS A 182 8.53 10.26 -28.54
C LYS A 182 8.71 10.73 -29.98
N THR A 183 9.27 9.90 -30.84
CA THR A 183 9.61 10.32 -32.20
C THR A 183 8.89 9.52 -33.28
N MET A 184 8.24 8.41 -32.95
CA MET A 184 7.69 7.52 -33.95
C MET A 184 6.18 7.37 -33.78
N ASP A 185 5.54 6.87 -34.83
CA ASP A 185 4.09 6.71 -34.86
C ASP A 185 3.72 5.25 -34.62
N LYS A 186 2.55 5.05 -34.00
CA LYS A 186 2.01 3.72 -33.81
C LYS A 186 2.03 2.92 -35.11
N SER A 187 1.71 3.57 -36.23
CA SER A 187 1.77 2.92 -37.53
C SER A 187 3.18 2.45 -37.87
N ALA A 188 4.22 3.06 -37.29
CA ALA A 188 5.60 2.67 -37.55
C ALA A 188 6.17 1.76 -36.47
N CYS A 189 5.31 1.09 -35.70
CA CYS A 189 5.73 0.16 -34.66
C CYS A 189 5.84 -1.24 -35.26
N ILE A 190 7.04 -1.82 -35.22
CA ILE A 190 7.32 -3.14 -35.77
C ILE A 190 7.71 -4.08 -34.63
N HIS A 191 7.07 -5.24 -34.58
CA HIS A 191 7.30 -6.22 -33.50
C HIS A 191 8.12 -7.42 -33.96
N PRO A 192 8.88 -8.06 -33.06
CA PRO A 192 9.13 -7.69 -31.66
C PRO A 192 10.03 -6.47 -31.60
N CYS A 193 9.77 -5.55 -30.69
CA CYS A 193 10.60 -4.37 -30.57
C CYS A 193 11.00 -4.15 -29.13
N VAL A 194 12.09 -3.43 -28.96
CA VAL A 194 12.47 -2.85 -27.69
C VAL A 194 11.86 -1.45 -27.61
N HIS A 195 11.01 -1.23 -26.61
CA HIS A 195 10.45 0.10 -26.38
C HIS A 195 11.48 0.95 -25.64
N ALA A 196 11.78 2.12 -26.20
CA ALA A 196 12.91 2.91 -25.73
C ALA A 196 12.64 3.60 -24.39
N GLU A 197 11.42 3.56 -23.89
CA GLU A 197 11.11 4.06 -22.56
C GLU A 197 9.82 3.39 -22.08
N GLY A 198 9.53 3.58 -20.80
CA GLY A 198 8.30 3.06 -20.27
C GLY A 198 8.26 3.06 -18.75
N SER A 199 7.07 3.01 -18.19
CA SER A 199 6.87 3.02 -16.75
C SER A 199 6.24 1.71 -16.29
N ALA A 200 6.67 1.23 -15.13
CA ALA A 200 6.19 -0.02 -14.55
C ALA A 200 5.51 0.27 -13.22
N VAL A 201 4.37 -0.35 -12.99
CA VAL A 201 3.87 -0.52 -11.63
C VAL A 201 4.38 -1.85 -11.09
N THR A 202 4.96 -1.84 -9.90
CA THR A 202 5.40 -3.08 -9.25
C THR A 202 4.40 -3.42 -8.15
N ILE A 203 3.71 -4.55 -8.31
CA ILE A 203 2.77 -5.03 -7.30
C ILE A 203 3.47 -6.07 -6.45
N ASN A 204 2.92 -6.31 -5.24
CA ASN A 204 3.64 -7.16 -4.31
C ASN A 204 3.56 -8.64 -4.66
N GLY A 205 2.48 -9.09 -5.30
CA GLY A 205 2.30 -10.51 -5.52
C GLY A 205 1.93 -11.24 -4.24
N PRO A 206 1.78 -12.56 -4.31
CA PRO A 206 2.03 -13.43 -5.47
C PRO A 206 0.90 -13.44 -6.49
N ARG A 207 -0.29 -12.96 -6.11
CA ARG A 207 -1.41 -13.04 -7.03
C ARG A 207 -1.27 -12.04 -8.17
N PHE A 208 -1.84 -12.37 -9.33
CA PHE A 208 -1.97 -11.39 -10.39
C PHE A 208 -3.09 -10.38 -10.09
N SER A 209 -3.16 -9.34 -10.92
CA SER A 209 -4.09 -8.24 -10.69
C SER A 209 -5.53 -8.63 -11.04
N THR A 210 -6.49 -7.96 -10.40
CA THR A 210 -7.87 -8.03 -10.88
C THR A 210 -8.03 -7.15 -12.11
N ARG A 211 -9.14 -7.36 -12.83
CA ARG A 211 -9.45 -6.50 -13.98
C ARG A 211 -9.59 -5.05 -13.52
N CYS A 212 -10.21 -4.84 -12.36
CA CYS A 212 -10.38 -3.50 -11.83
C CYS A 212 -9.04 -2.82 -11.60
N GLU A 213 -8.10 -3.52 -10.96
CA GLU A 213 -6.75 -2.98 -10.75
C GLU A 213 -6.06 -2.71 -12.08
N SER A 214 -6.16 -3.64 -13.02
CA SER A 214 -5.52 -3.46 -14.32
C SER A 214 -6.00 -2.18 -14.99
N PHE A 215 -7.32 -1.95 -15.01
CA PHE A 215 -7.85 -0.75 -15.64
C PHE A 215 -7.44 0.53 -14.89
N ILE A 216 -7.35 0.47 -13.56
CA ILE A 216 -6.91 1.64 -12.80
C ILE A 216 -5.46 1.97 -13.12
N HIS A 217 -4.60 0.95 -13.19
CA HIS A 217 -3.19 1.17 -13.53
C HIS A 217 -3.04 1.70 -14.95
N LYS A 218 -3.84 1.18 -15.89
CA LYS A 218 -3.82 1.69 -17.25
C LYS A 218 -4.24 3.16 -17.29
N ALA A 219 -5.25 3.52 -16.49
CA ALA A 219 -5.75 4.89 -16.51
C ALA A 219 -4.77 5.87 -15.87
N MET A 220 -3.90 5.38 -14.98
CA MET A 220 -2.82 6.18 -14.44
C MET A 220 -1.73 6.46 -15.45
N GLY A 221 -1.75 5.79 -16.60
CA GLY A 221 -0.75 5.99 -17.63
C GLY A 221 0.43 5.05 -17.58
N LEU A 222 0.36 4.00 -16.78
CA LEU A 222 1.47 3.05 -16.66
C LEU A 222 1.50 2.11 -17.87
N ASP A 223 2.71 1.66 -18.22
CA ASP A 223 2.91 0.84 -19.41
C ASP A 223 2.88 -0.66 -19.13
N ILE A 224 3.50 -1.11 -18.02
CA ILE A 224 3.58 -2.53 -17.71
C ILE A 224 3.36 -2.74 -16.22
N VAL A 225 3.07 -3.99 -15.85
CA VAL A 225 2.94 -4.41 -14.46
C VAL A 225 3.89 -5.59 -14.21
N ASN A 226 4.60 -5.56 -13.08
CA ASN A 226 5.57 -6.61 -12.76
C ASN A 226 5.61 -6.78 -11.25
N MET A 227 6.42 -7.74 -10.77
CA MET A 227 6.48 -7.96 -9.33
C MET A 227 7.88 -7.83 -8.73
N THR A 228 8.92 -7.61 -9.54
CA THR A 228 10.29 -7.79 -9.05
C THR A 228 11.20 -6.58 -9.23
N LEU A 229 10.74 -5.50 -9.86
CA LEU A 229 11.63 -4.38 -10.14
C LEU A 229 12.04 -3.65 -8.86
N VAL A 230 11.08 -3.43 -7.97
CA VAL A 230 11.29 -2.71 -6.71
C VAL A 230 11.27 -3.72 -5.58
N PRO A 231 12.22 -3.62 -4.61
CA PRO A 231 13.22 -2.58 -4.38
C PRO A 231 14.56 -2.79 -5.06
N GLU A 232 14.65 -3.75 -6.00
CA GLU A 232 15.94 -4.03 -6.63
C GLU A 232 16.59 -2.78 -7.20
N VAL A 233 15.81 -1.99 -7.94
CA VAL A 233 16.35 -0.78 -8.58
C VAL A 233 16.79 0.24 -7.53
N SER A 234 16.01 0.38 -6.45
CA SER A 234 16.35 1.34 -5.40
C SER A 234 17.64 0.94 -4.68
N LEU A 235 17.76 -0.34 -4.34
CA LEU A 235 18.94 -0.81 -3.63
C LEU A 235 20.19 -0.72 -4.49
N ALA A 236 20.07 -0.93 -5.81
CA ALA A 236 21.23 -0.77 -6.68
C ALA A 236 21.79 0.65 -6.58
N ARG A 237 20.91 1.67 -6.56
CA ARG A 237 21.40 3.05 -6.42
C ARG A 237 21.98 3.29 -5.03
N GLU A 238 21.37 2.72 -3.98
CA GLU A 238 21.94 2.84 -2.63
C GLU A 238 23.36 2.27 -2.56
N ALA A 239 23.63 1.24 -3.37
CA ALA A 239 24.92 0.56 -3.38
C ALA A 239 25.93 1.26 -4.27
N GLY A 240 25.55 2.35 -4.91
CA GLY A 240 26.46 3.05 -5.80
C GLY A 240 26.68 2.37 -7.13
N LEU A 241 25.72 1.59 -7.61
CA LEU A 241 25.85 0.84 -8.84
C LEU A 241 24.96 1.43 -9.95
N SER A 242 25.43 1.31 -11.18
CA SER A 242 24.64 1.65 -12.35
C SER A 242 23.72 0.48 -12.69
N TYR A 243 22.41 0.74 -12.72
CA TYR A 243 21.41 -0.30 -12.89
C TYR A 243 20.47 0.06 -14.03
N ALA A 244 20.18 -0.90 -14.90
CA ALA A 244 19.15 -0.76 -15.93
C ALA A 244 18.41 -2.08 -16.07
N SER A 245 17.11 -1.98 -16.36
CA SER A 245 16.21 -3.11 -16.47
C SER A 245 15.68 -3.21 -17.91
N ILE A 246 15.64 -4.43 -18.44
CA ILE A 246 14.91 -4.70 -19.68
C ILE A 246 13.78 -5.65 -19.34
N ALA A 247 12.54 -5.15 -19.42
CA ALA A 247 11.38 -5.94 -19.10
C ALA A 247 10.95 -6.77 -20.30
N ILE A 248 10.51 -7.99 -20.05
CA ILE A 248 10.09 -8.92 -21.08
C ILE A 248 8.56 -9.02 -21.03
N VAL A 249 7.88 -8.54 -22.06
CA VAL A 249 6.42 -8.58 -22.07
C VAL A 249 5.97 -10.01 -22.37
N THR A 250 5.27 -10.63 -21.43
CA THR A 250 4.83 -12.00 -21.62
C THR A 250 3.33 -12.12 -21.85
N ASP A 251 2.56 -11.06 -21.61
CA ASP A 251 1.10 -11.12 -21.63
C ASP A 251 0.56 -9.68 -21.63
N PHE A 252 -0.76 -9.56 -21.88
CA PHE A 252 -1.50 -8.30 -21.77
C PHE A 252 -2.19 -8.10 -20.42
N ASP A 253 -1.64 -8.63 -19.33
CA ASP A 253 -2.28 -8.55 -17.98
C ASP A 253 -3.71 -9.07 -18.11
N CYS A 254 -4.74 -8.33 -17.67
CA CYS A 254 -6.08 -8.87 -17.85
C CYS A 254 -7.09 -7.80 -18.28
N TRP A 255 -6.65 -6.71 -18.91
CA TRP A 255 -7.60 -5.71 -19.37
C TRP A 255 -8.19 -6.01 -20.75
N LYS A 256 -7.71 -7.05 -21.44
CA LYS A 256 -8.25 -7.41 -22.76
C LYS A 256 -9.23 -8.59 -22.67
N SER A 257 -9.27 -9.42 -23.71
CA SER A 257 -10.25 -10.49 -23.81
C SER A 257 -9.88 -11.66 -22.88
N GLU A 258 -10.90 -12.48 -22.56
CA GLU A 258 -10.73 -13.55 -21.59
C GLU A 258 -9.63 -14.52 -21.99
N GLU A 259 -9.46 -14.76 -23.29
CA GLU A 259 -8.39 -15.66 -23.74
C GLU A 259 -7.01 -15.03 -23.61
N GLU A 260 -6.93 -13.73 -23.33
CA GLU A 260 -5.67 -13.03 -23.14
C GLU A 260 -5.39 -12.69 -21.69
N HIS A 261 -6.19 -13.22 -20.75
CA HIS A 261 -5.96 -12.94 -19.33
C HIS A 261 -4.78 -13.75 -18.83
N VAL A 262 -3.92 -13.07 -18.06
CA VAL A 262 -2.64 -13.65 -17.65
C VAL A 262 -2.84 -14.87 -16.75
N CYS A 263 -1.94 -15.85 -16.91
CA CYS A 263 -1.77 -16.96 -15.98
C CYS A 263 -0.32 -17.43 -16.09
N VAL A 264 0.08 -18.33 -15.17
CA VAL A 264 1.48 -18.77 -15.13
C VAL A 264 1.89 -19.41 -16.45
N ASP A 265 1.06 -20.30 -16.99
CA ASP A 265 1.42 -21.00 -18.22
C ASP A 265 1.63 -20.02 -19.36
N MET A 266 0.79 -18.99 -19.45
CA MET A 266 0.96 -17.98 -20.49
C MET A 266 2.29 -17.24 -20.33
N VAL A 267 2.62 -16.85 -19.09
CA VAL A 267 3.88 -16.13 -18.86
C VAL A 267 5.06 -16.97 -19.29
N LEU A 268 5.08 -18.23 -18.85
CA LEU A 268 6.22 -19.10 -19.12
C LEU A 268 6.37 -19.39 -20.60
N GLU A 269 5.26 -19.58 -21.32
CA GLU A 269 5.35 -19.94 -22.74
C GLU A 269 5.97 -18.81 -23.56
N GLN A 270 5.55 -17.58 -23.31
CA GLN A 270 6.15 -16.45 -24.03
C GLN A 270 7.58 -16.18 -23.56
N PHE A 271 7.81 -16.29 -22.25
CA PHE A 271 9.15 -16.07 -21.72
C PHE A 271 10.17 -16.99 -22.39
N ARG A 272 9.83 -18.26 -22.53
CA ARG A 272 10.73 -19.21 -23.17
C ARG A 272 11.07 -18.80 -24.59
N LYS A 273 10.14 -18.13 -25.28
CA LYS A 273 10.40 -17.72 -26.66
C LYS A 273 11.20 -16.41 -26.72
N SER A 274 11.08 -15.55 -25.71
CA SER A 274 11.72 -14.24 -25.75
C SER A 274 13.14 -14.23 -25.18
N VAL A 275 13.52 -15.26 -24.41
CA VAL A 275 14.83 -15.24 -23.76
C VAL A 275 15.96 -15.25 -24.78
N VAL A 276 15.70 -15.79 -25.97
CA VAL A 276 16.75 -15.82 -27.00
C VAL A 276 17.18 -14.41 -27.37
N HIS A 277 16.21 -13.53 -27.61
CA HIS A 277 16.53 -12.14 -27.93
C HIS A 277 17.13 -11.42 -26.73
N VAL A 278 16.63 -11.72 -25.52
CA VAL A 278 17.12 -11.04 -24.32
C VAL A 278 18.58 -11.41 -24.06
N ARG A 279 18.94 -12.67 -24.26
CA ARG A 279 20.34 -13.09 -24.11
C ARG A 279 21.25 -12.32 -25.07
N GLU A 280 20.85 -12.21 -26.33
CA GLU A 280 21.63 -11.49 -27.32
C GLU A 280 21.83 -10.03 -26.90
N ILE A 281 20.77 -9.39 -26.41
CA ILE A 281 20.86 -7.99 -26.00
C ILE A 281 21.81 -7.85 -24.83
N LEU A 282 21.65 -8.71 -23.82
CA LEU A 282 22.45 -8.60 -22.61
C LEU A 282 23.92 -8.84 -22.88
N LEU A 283 24.23 -9.88 -23.65
CA LEU A 283 25.62 -10.18 -23.98
C LEU A 283 26.27 -9.07 -24.80
N GLU A 284 25.49 -8.46 -25.71
CA GLU A 284 26.02 -7.33 -26.45
C GLU A 284 26.19 -6.11 -25.55
N ALA A 285 25.26 -5.89 -24.62
CA ALA A 285 25.35 -4.77 -23.70
C ALA A 285 26.60 -4.86 -22.83
N VAL A 286 26.94 -6.07 -22.37
CA VAL A 286 28.15 -6.23 -21.55
C VAL A 286 29.38 -5.82 -22.33
N ALA A 287 29.45 -6.20 -23.61
CA ALA A 287 30.58 -5.80 -24.43
C ALA A 287 30.62 -4.28 -24.63
N LEU A 288 29.45 -3.67 -24.87
CA LEU A 288 29.41 -2.22 -25.08
C LEU A 288 29.81 -1.45 -23.82
N ILE A 289 29.46 -1.98 -22.65
CA ILE A 289 29.86 -1.32 -21.39
C ILE A 289 31.37 -1.35 -21.23
N GLY A 290 31.98 -2.51 -21.49
CA GLY A 290 33.42 -2.64 -21.33
C GLY A 290 34.25 -1.83 -22.30
N ALA A 291 33.63 -1.24 -23.31
CA ALA A 291 34.35 -0.48 -24.33
C ALA A 291 34.40 1.01 -24.05
N GLU A 292 33.80 1.46 -22.94
CA GLU A 292 33.75 2.87 -22.59
C GLU A 292 34.39 3.12 -21.23
N ASP A 293 34.77 4.37 -21.00
CA ASP A 293 35.29 4.82 -19.72
C ASP A 293 34.13 5.21 -18.81
N TRP A 294 34.13 4.67 -17.59
CA TRP A 294 33.06 4.91 -16.62
C TRP A 294 33.58 5.59 -15.35
N THR A 295 34.78 6.17 -15.40
CA THR A 295 35.41 6.69 -14.18
C THR A 295 34.54 7.72 -13.49
N LYS A 296 34.05 8.72 -14.23
CA LYS A 296 33.31 9.80 -13.60
C LYS A 296 31.87 9.40 -13.27
N THR A 297 31.25 8.54 -14.08
CA THR A 297 29.93 8.03 -13.73
C THR A 297 29.97 7.26 -12.42
N ILE A 298 30.99 6.41 -12.26
CA ILE A 298 31.13 5.64 -11.03
C ILE A 298 31.36 6.58 -9.85
N GLU A 299 32.21 7.59 -10.03
CA GLU A 299 32.43 8.59 -8.98
C GLU A 299 31.13 9.27 -8.60
N ALA A 300 30.28 9.56 -9.59
CA ALA A 300 29.00 10.21 -9.32
C ALA A 300 28.05 9.29 -8.57
N ASN A 301 28.03 8.00 -8.93
CA ASN A 301 27.20 7.04 -8.21
C ASN A 301 27.54 7.02 -6.73
N LYS A 302 28.83 6.94 -6.40
CA LYS A 302 29.24 6.93 -5.01
C LYS A 302 28.95 8.26 -4.33
N ALA A 303 29.22 9.37 -5.02
CA ALA A 303 28.99 10.68 -4.41
C ALA A 303 27.51 10.93 -4.16
N LEU A 304 26.63 10.29 -4.93
CA LEU A 304 25.20 10.44 -4.69
C LEU A 304 24.79 9.74 -3.39
N VAL A 305 25.39 8.58 -3.11
CA VAL A 305 25.13 7.88 -1.85
C VAL A 305 25.56 8.74 -0.67
N MET A 306 26.77 9.29 -0.73
CA MET A 306 27.29 10.04 0.40
C MET A 306 26.47 11.29 0.67
N SER A 307 26.02 11.97 -0.39
CA SER A 307 25.26 13.20 -0.20
C SER A 307 23.84 12.94 0.26
N SER A 308 23.38 11.69 0.19
CA SER A 308 22.06 11.30 0.67
C SER A 308 22.07 10.82 2.12
N ARG A 309 23.24 10.78 2.75
CA ARG A 309 23.38 10.37 4.15
C ARG A 309 22.99 11.55 5.04
N LEU A 310 21.71 11.59 5.42
CA LEU A 310 21.20 12.69 6.22
C LEU A 310 21.83 12.71 7.61
N ASP A 311 22.08 11.55 8.20
CA ASP A 311 22.65 11.48 9.53
C ASP A 311 24.08 12.03 9.58
N LEU A 312 24.72 12.25 8.44
CA LEU A 312 26.07 12.79 8.40
C LEU A 312 26.07 14.29 8.08
N LYS B 24 -8.12 23.26 31.43
CA LYS B 24 -6.69 23.15 31.74
C LYS B 24 -5.93 22.63 30.53
N VAL B 25 -5.13 23.47 29.89
CA VAL B 25 -4.52 23.09 28.62
C VAL B 25 -3.01 22.92 28.82
N LYS B 26 -2.42 22.10 27.96
CA LYS B 26 -0.98 21.88 27.95
C LYS B 26 -0.63 21.46 26.53
N VAL B 27 0.30 22.18 25.92
CA VAL B 27 0.54 22.03 24.48
C VAL B 27 1.79 21.21 24.25
N GLY B 28 1.62 20.06 23.61
CA GLY B 28 2.74 19.28 23.14
C GLY B 28 3.20 19.75 21.77
N ILE B 29 4.49 19.65 21.52
CA ILE B 29 5.09 20.06 20.25
C ILE B 29 6.00 18.94 19.77
N ILE B 30 5.69 18.40 18.59
CA ILE B 30 6.54 17.38 17.97
C ILE B 30 7.32 18.06 16.87
N GLY B 31 8.62 18.17 17.06
CA GLY B 31 9.48 18.86 16.13
C GLY B 31 10.07 17.89 15.12
N GLY B 32 9.94 18.23 13.85
CA GLY B 32 10.52 17.44 12.78
C GLY B 32 11.88 17.97 12.37
N SER B 33 12.20 17.79 11.09
CA SER B 33 13.46 18.28 10.54
C SER B 33 13.61 19.77 10.80
N GLY B 34 14.82 20.17 11.19
CA GLY B 34 15.08 21.52 11.65
C GLY B 34 14.72 21.77 13.09
N PHE B 35 14.09 20.81 13.78
CA PHE B 35 13.66 20.95 15.16
C PHE B 35 14.10 19.76 16.00
N ASP B 36 15.30 19.23 15.70
CA ASP B 36 15.84 18.11 16.48
C ASP B 36 16.23 18.54 17.90
N ASP B 37 16.53 19.83 18.11
CA ASP B 37 16.85 20.35 19.44
C ASP B 37 16.33 21.77 19.53
N PRO B 38 15.02 21.94 19.71
CA PRO B 38 14.37 23.25 19.50
C PRO B 38 14.81 24.36 20.45
N ASN B 39 14.79 24.09 21.76
CA ASN B 39 14.99 25.10 22.79
C ASN B 39 13.99 26.25 22.62
N LEU B 40 12.73 25.92 22.87
CA LEU B 40 11.64 26.87 22.76
C LEU B 40 11.43 27.71 24.02
N PHE B 41 11.93 27.24 25.16
CA PHE B 41 11.68 27.89 26.44
C PHE B 41 12.73 27.39 27.42
N LYS B 42 12.85 28.08 28.55
CA LYS B 42 13.72 27.61 29.61
C LYS B 42 13.15 26.30 30.18
N LYS B 43 13.97 25.25 30.16
CA LYS B 43 13.50 23.95 30.62
C LYS B 43 13.20 23.98 32.11
N VAL B 44 12.07 23.40 32.49
CA VAL B 44 11.75 23.16 33.89
C VAL B 44 12.09 21.74 34.30
N GLY B 45 11.77 20.77 33.45
CA GLY B 45 12.09 19.38 33.72
C GLY B 45 12.36 18.62 32.45
N VAL B 46 13.14 17.54 32.57
CA VAL B 46 13.43 16.63 31.47
C VAL B 46 12.88 15.27 31.87
N ARG B 47 12.02 14.70 31.03
CA ARG B 47 11.32 13.46 31.36
C ARG B 47 11.84 12.32 30.50
N GLN B 48 12.40 11.30 31.14
CA GLN B 48 12.68 10.04 30.49
C GLN B 48 11.55 9.09 30.85
N VAL B 49 10.71 8.78 29.87
CA VAL B 49 9.48 8.05 30.13
C VAL B 49 9.44 6.80 29.27
N THR B 50 8.65 5.84 29.71
CA THR B 50 8.25 4.74 28.84
C THR B 50 6.73 4.74 28.74
N THR B 51 6.24 3.98 27.78
CA THR B 51 4.82 3.87 27.48
C THR B 51 4.53 2.39 27.30
N PRO B 52 3.25 2.00 27.29
CA PRO B 52 2.91 0.61 26.97
C PRO B 52 3.33 0.20 25.58
N PHE B 53 3.82 1.13 24.76
CA PHE B 53 4.15 0.85 23.38
C PHE B 53 5.64 1.03 23.10
N GLY B 54 6.46 1.20 24.14
CA GLY B 54 7.89 1.38 23.98
C GLY B 54 8.32 2.78 24.37
N LYS B 55 9.58 3.07 24.08
CA LYS B 55 10.15 4.36 24.46
C LYS B 55 9.92 5.40 23.36
N PRO B 56 9.72 6.66 23.73
CA PRO B 56 9.62 7.73 22.74
C PRO B 56 10.96 7.99 22.07
N SER B 57 10.93 8.85 21.05
CA SER B 57 12.13 9.13 20.27
C SER B 57 13.24 9.73 21.12
N ASP B 58 12.91 10.43 22.19
CA ASP B 58 13.90 11.08 23.03
C ASP B 58 13.24 11.47 24.34
N THR B 59 14.03 12.04 25.24
CA THR B 59 13.47 12.66 26.45
C THR B 59 12.50 13.76 26.04
N LEU B 60 11.53 14.02 26.91
CA LEU B 60 10.53 15.06 26.72
C LEU B 60 10.86 16.23 27.63
N VAL B 61 10.91 17.43 27.06
CA VAL B 61 11.31 18.64 27.77
C VAL B 61 10.06 19.47 28.07
N GLU B 62 9.90 19.85 29.34
CA GLU B 62 8.68 20.48 29.82
C GLU B 62 8.98 21.85 30.42
N GLY B 63 8.06 22.79 30.25
CA GLY B 63 8.24 24.12 30.77
C GLY B 63 7.03 24.97 30.44
N PHE B 64 7.22 26.29 30.43
CA PHE B 64 6.13 27.22 30.22
C PHE B 64 6.46 28.19 29.09
N VAL B 65 5.46 28.48 28.27
CA VAL B 65 5.50 29.61 27.35
C VAL B 65 4.51 30.63 27.91
N GLY B 66 5.02 31.72 28.47
CA GLY B 66 4.12 32.59 29.23
C GLY B 66 3.56 31.79 30.39
N ASP B 67 2.24 31.80 30.54
CA ASP B 67 1.58 31.01 31.58
C ASP B 67 1.14 29.62 31.11
N VAL B 68 1.44 29.23 29.87
CA VAL B 68 0.93 28.00 29.27
C VAL B 68 1.98 26.90 29.38
N ALA B 69 1.59 25.77 29.96
CA ALA B 69 2.48 24.62 30.04
C ALA B 69 2.69 24.03 28.66
N CYS B 70 3.93 23.60 28.39
CA CYS B 70 4.34 23.15 27.06
C CYS B 70 5.33 22.00 27.21
N VAL B 71 5.27 21.03 26.28
CA VAL B 71 6.16 19.88 26.27
C VAL B 71 6.69 19.71 24.85
N VAL B 72 7.99 19.51 24.70
CA VAL B 72 8.62 19.40 23.38
C VAL B 72 9.34 18.07 23.25
N LEU B 73 9.20 17.45 22.07
CA LEU B 73 9.78 16.16 21.74
C LEU B 73 10.27 16.17 20.30
N PRO B 74 11.53 15.80 20.03
CA PRO B 74 12.00 15.71 18.63
C PRO B 74 11.60 14.38 17.99
N ARG B 75 10.87 14.45 16.87
CA ARG B 75 10.35 13.24 16.23
C ARG B 75 11.45 12.24 15.91
N HIS B 76 12.59 12.72 15.46
CA HIS B 76 13.66 11.82 15.00
C HIS B 76 14.73 11.62 16.05
N GLY B 77 14.54 12.15 17.25
CA GLY B 77 15.58 12.12 18.27
C GLY B 77 16.60 13.22 18.04
N LYS B 78 17.41 13.47 19.07
CA LYS B 78 18.34 14.60 19.04
C LYS B 78 19.26 14.56 17.83
N GLY B 79 19.82 13.39 17.52
CA GLY B 79 20.72 13.28 16.39
C GLY B 79 20.06 13.01 15.05
N HIS B 80 18.73 13.00 15.00
CA HIS B 80 17.97 12.68 13.78
C HIS B 80 18.44 11.35 13.18
N LEU B 81 18.58 10.34 14.04
CA LEU B 81 19.07 9.03 13.63
C LEU B 81 17.97 8.03 13.32
N ILE B 82 16.72 8.37 13.59
CA ILE B 82 15.58 7.48 13.43
C ILE B 82 14.86 7.87 12.15
N PRO B 83 14.82 7.02 11.13
CA PRO B 83 14.14 7.37 9.87
C PRO B 83 12.63 7.35 10.04
N PRO B 84 11.88 8.00 9.14
CA PRO B 84 10.42 8.12 9.32
C PRO B 84 9.68 6.80 9.52
N SER B 85 10.07 5.74 8.83
CA SER B 85 9.34 4.48 8.97
C SER B 85 9.59 3.80 10.30
N GLU B 86 10.63 4.19 11.04
CA GLU B 86 10.99 3.53 12.29
C GLU B 86 10.66 4.36 13.53
N VAL B 87 10.14 5.58 13.35
CA VAL B 87 9.71 6.39 14.49
C VAL B 87 8.60 5.69 15.24
N ASN B 88 8.70 5.68 16.58
CA ASN B 88 7.65 5.09 17.40
C ASN B 88 6.58 6.16 17.63
N TYR B 89 5.72 6.33 16.63
CA TYR B 89 4.64 7.31 16.72
C TYR B 89 3.74 7.03 17.92
N ARG B 90 3.42 5.76 18.18
CA ARG B 90 2.56 5.44 19.31
C ARG B 90 3.16 5.91 20.61
N ALA B 91 4.46 5.64 20.80
CA ALA B 91 5.10 6.02 22.06
C ALA B 91 5.17 7.53 22.20
N ASN B 92 5.43 8.25 21.11
CA ASN B 92 5.54 9.70 21.19
C ASN B 92 4.21 10.33 21.56
N VAL B 93 3.13 9.92 20.90
CA VAL B 93 1.82 10.49 21.20
C VAL B 93 1.37 10.07 22.59
N TRP B 94 1.54 8.79 22.95
CA TRP B 94 1.08 8.36 24.26
C TRP B 94 1.84 9.06 25.38
N ALA B 95 3.14 9.28 25.20
CA ALA B 95 3.94 9.96 26.23
C ALA B 95 3.46 11.39 26.44
N LEU B 96 3.10 12.10 25.37
CA LEU B 96 2.57 13.45 25.52
C LEU B 96 1.23 13.43 26.22
N LYS B 97 0.37 12.45 25.88
CA LYS B 97 -0.91 12.32 26.58
C LYS B 97 -0.70 12.03 28.06
N ASP B 98 0.28 11.17 28.38
CA ASP B 98 0.58 10.83 29.76
C ASP B 98 1.03 12.03 30.57
N LEU B 99 1.75 12.98 29.94
CA LEU B 99 2.19 14.16 30.67
C LEU B 99 1.11 15.24 30.74
N GLY B 100 -0.09 14.96 30.25
CA GLY B 100 -1.20 15.86 30.41
C GLY B 100 -1.48 16.76 29.24
N CYS B 101 -0.87 16.52 28.09
CA CYS B 101 -1.13 17.38 26.93
C CYS B 101 -2.57 17.21 26.47
N THR B 102 -3.17 18.33 26.10
CA THR B 102 -4.49 18.38 25.48
C THR B 102 -4.39 18.62 23.97
N HIS B 103 -3.26 19.17 23.52
CA HIS B 103 -3.02 19.56 22.14
C HIS B 103 -1.65 19.06 21.71
N ILE B 104 -1.49 18.80 20.41
CA ILE B 104 -0.19 18.59 19.81
C ILE B 104 -0.06 19.48 18.57
N LEU B 105 1.00 20.28 18.53
CA LEU B 105 1.40 20.97 17.31
C LEU B 105 2.61 20.25 16.74
N ALA B 106 2.57 19.95 15.43
CA ALA B 106 3.65 19.21 14.79
C ALA B 106 4.17 19.98 13.59
N THR B 107 5.47 19.89 13.34
CA THR B 107 6.05 20.39 12.09
C THR B 107 6.40 19.20 11.20
N ASN B 108 6.32 19.40 9.88
CA ASN B 108 6.60 18.32 8.94
C ASN B 108 7.21 18.90 7.66
N ALA B 109 8.46 18.54 7.35
CA ALA B 109 9.07 19.01 6.11
C ALA B 109 8.51 18.26 4.90
N CYS B 110 8.45 18.95 3.76
CA CYS B 110 7.71 18.38 2.65
C CYS B 110 8.20 18.95 1.32
N GLY B 111 7.78 18.29 0.24
CA GLY B 111 8.02 18.77 -1.11
C GLY B 111 6.70 19.19 -1.72
N SER B 112 6.76 20.21 -2.57
CA SER B 112 5.56 20.75 -3.20
C SER B 112 5.22 19.98 -4.47
N LEU B 113 3.91 19.74 -4.66
CA LEU B 113 3.40 19.14 -5.88
C LEU B 113 2.68 20.13 -6.80
N GLN B 114 2.67 21.43 -6.44
CA GLN B 114 1.82 22.44 -7.08
C GLN B 114 2.57 23.74 -7.26
N GLU B 115 2.32 24.43 -8.39
CA GLU B 115 3.06 25.63 -8.73
C GLU B 115 2.97 26.71 -7.65
N ASP B 116 1.81 26.85 -6.99
CA ASP B 116 1.61 27.92 -6.01
C ASP B 116 2.35 27.67 -4.69
N LEU B 117 2.79 26.46 -4.44
CA LEU B 117 3.45 26.12 -3.19
C LEU B 117 4.94 26.08 -3.47
N VAL B 118 5.65 27.13 -3.06
CA VAL B 118 7.05 27.27 -3.46
C VAL B 118 7.95 27.07 -2.24
N PRO B 119 9.22 26.70 -2.43
CA PRO B 119 10.11 26.51 -1.28
C PRO B 119 10.14 27.75 -0.38
N GLY B 120 9.98 27.51 0.91
CA GLY B 120 9.90 28.57 1.89
C GLY B 120 8.48 28.88 2.35
N ASP B 121 7.47 28.46 1.61
CA ASP B 121 6.10 28.54 2.08
C ASP B 121 5.85 27.51 3.18
N PHE B 122 4.81 27.76 3.97
CA PHE B 122 4.29 26.78 4.91
C PHE B 122 2.86 26.46 4.51
N VAL B 123 2.36 25.32 5.00
CA VAL B 123 1.01 24.84 4.73
C VAL B 123 0.38 24.36 6.03
N VAL B 124 -0.77 24.93 6.40
CA VAL B 124 -1.54 24.41 7.52
C VAL B 124 -2.46 23.34 6.94
N LEU B 125 -2.04 22.08 7.05
CA LEU B 125 -2.71 20.99 6.36
C LEU B 125 -4.14 20.78 6.87
N ASN B 126 -5.04 20.35 5.97
CA ASN B 126 -6.37 19.93 6.39
C ASN B 126 -6.79 18.55 5.86
N GLN B 127 -5.99 17.90 5.02
CA GLN B 127 -6.34 16.60 4.44
C GLN B 127 -5.07 15.78 4.20
N PHE B 128 -5.23 14.47 4.06
CA PHE B 128 -4.10 13.64 3.63
C PHE B 128 -4.56 12.40 2.87
N MET B 129 -3.62 11.82 2.14
CA MET B 129 -3.78 10.47 1.60
C MET B 129 -2.59 9.64 2.07
N ASP B 130 -2.87 8.44 2.55
CA ASP B 130 -1.92 7.62 3.28
C ASP B 130 -1.35 6.53 2.37
N LYS B 131 -0.02 6.56 2.17
CA LYS B 131 0.66 5.48 1.47
C LYS B 131 1.74 4.84 2.33
N THR B 132 1.65 4.99 3.66
CA THR B 132 2.61 4.32 4.53
C THR B 132 2.21 2.87 4.79
N TRP B 133 3.18 2.08 5.22
CA TRP B 133 2.95 0.68 5.58
C TRP B 133 3.96 0.26 6.63
N GLY B 134 3.63 -0.80 7.37
CA GLY B 134 4.56 -1.38 8.31
C GLY B 134 4.73 -0.60 9.60
N ARG B 135 3.96 0.47 9.80
CA ARG B 135 4.04 1.28 11.02
C ARG B 135 2.89 0.93 11.95
N GLU B 136 3.14 0.95 13.26
CA GLU B 136 2.04 0.78 14.21
C GLU B 136 1.13 2.01 14.17
N ASN B 137 -0.11 1.84 13.73
CA ASN B 137 -0.96 3.00 13.46
C ASN B 137 -2.20 3.06 14.35
N THR B 138 -2.31 2.21 15.37
CA THR B 138 -3.44 2.25 16.28
C THR B 138 -3.01 1.76 17.65
N PHE B 139 -3.63 2.33 18.68
CA PHE B 139 -3.38 1.90 20.05
C PHE B 139 -4.16 0.64 20.42
N TYR B 140 -5.21 0.32 19.68
CA TYR B 140 -6.17 -0.70 20.08
C TYR B 140 -6.10 -1.92 19.18
N GLY B 141 -6.40 -3.09 19.75
CA GLY B 141 -6.56 -4.27 18.95
C GLY B 141 -6.81 -5.49 19.81
N SER B 142 -6.50 -6.65 19.24
CA SER B 142 -6.72 -7.93 19.89
C SER B 142 -5.42 -8.61 20.32
N LYS B 143 -4.26 -8.02 20.00
CA LYS B 143 -2.98 -8.65 20.38
C LYS B 143 -2.52 -8.12 21.74
N PRO B 144 -1.68 -8.87 22.45
CA PRO B 144 -1.27 -8.41 23.79
C PRO B 144 -0.47 -7.11 23.80
N ASP B 145 0.08 -6.68 22.66
CA ASP B 145 0.88 -5.47 22.58
C ASP B 145 0.04 -4.22 22.32
N SER B 146 -1.29 -4.29 22.49
CA SER B 146 -2.14 -3.12 22.27
C SER B 146 -3.22 -3.08 23.34
N LEU B 147 -3.87 -1.92 23.45
CA LEU B 147 -5.01 -1.78 24.34
C LEU B 147 -6.19 -2.58 23.80
N LYS B 148 -6.98 -3.13 24.73
CA LYS B 148 -8.09 -3.98 24.32
C LYS B 148 -9.23 -3.17 23.73
N GLY B 149 -9.69 -3.57 22.54
CA GLY B 149 -10.82 -2.95 21.89
C GLY B 149 -10.67 -2.86 20.39
N VAL B 150 -11.75 -2.53 19.69
CA VAL B 150 -11.74 -2.26 18.26
C VAL B 150 -12.17 -0.81 18.11
N LEU B 151 -11.25 0.06 17.71
CA LEU B 151 -11.52 1.49 17.60
C LEU B 151 -11.53 1.87 16.12
N HIS B 152 -12.68 2.35 15.63
CA HIS B 152 -12.82 2.77 14.23
C HIS B 152 -13.12 4.28 14.22
N MET B 153 -12.06 5.11 14.11
CA MET B 153 -12.22 6.55 14.27
C MET B 153 -12.60 7.20 12.96
N PRO B 154 -13.62 8.07 12.94
CA PRO B 154 -13.86 8.90 11.76
C PRO B 154 -12.66 9.80 11.50
N MET B 155 -12.34 9.98 10.22
CA MET B 155 -11.18 10.77 9.81
C MET B 155 -11.50 11.67 8.63
N ALA B 156 -12.78 11.92 8.35
CA ALA B 156 -13.17 12.71 7.19
C ALA B 156 -12.42 14.03 7.11
N GLU B 157 -12.41 14.79 8.21
CA GLU B 157 -11.59 16.00 8.37
C GLU B 157 -10.64 15.70 9.53
N PRO B 158 -9.43 15.23 9.24
CA PRO B 158 -8.65 14.51 10.26
C PRO B 158 -7.92 15.39 11.27
N PHE B 159 -7.97 16.71 11.15
CA PHE B 159 -7.28 17.60 12.09
C PHE B 159 -8.29 18.27 13.02
N CYS B 160 -7.79 18.88 14.10
CA CYS B 160 -8.64 19.70 14.96
C CYS B 160 -8.74 21.09 14.32
N GLU B 161 -9.95 21.43 13.85
CA GLU B 161 -10.12 22.66 13.06
C GLU B 161 -9.82 23.92 13.88
N ARG B 162 -10.25 23.96 15.15
CA ARG B 162 -9.91 25.10 15.99
C ARG B 162 -8.40 25.30 16.06
N THR B 163 -7.65 24.21 16.23
CA THR B 163 -6.21 24.34 16.35
C THR B 163 -5.57 24.74 15.02
N ARG B 164 -6.12 24.24 13.89
CA ARG B 164 -5.70 24.72 12.58
C ARG B 164 -5.82 26.24 12.48
N GLN B 165 -6.97 26.78 12.89
CA GLN B 165 -7.16 28.22 12.76
C GLN B 165 -6.24 29.00 13.70
N ILE B 166 -5.84 28.39 14.82
CA ILE B 166 -4.86 29.02 15.71
C ILE B 166 -3.51 29.17 15.00
N LEU B 167 -3.05 28.10 14.34
CA LEU B 167 -1.80 28.21 13.58
C LEU B 167 -1.89 29.34 12.56
N ILE B 168 -3.03 29.45 11.85
CA ILE B 168 -3.17 30.46 10.82
C ILE B 168 -3.21 31.85 11.43
N GLN B 169 -3.93 32.01 12.55
CA GLN B 169 -3.97 33.31 13.21
C GLN B 169 -2.61 33.68 13.80
N ALA B 170 -1.86 32.67 14.26
CA ALA B 170 -0.52 32.93 14.77
C ALA B 170 0.38 33.50 13.68
N ALA B 171 0.32 32.94 12.47
CA ALA B 171 1.08 33.51 11.36
C ALA B 171 0.70 34.96 11.10
N ARG B 172 -0.62 35.27 11.10
CA ARG B 172 -1.04 36.64 10.92
C ARG B 172 -0.49 37.56 12.02
N ASN B 173 -0.51 37.09 13.27
CA ASN B 173 -0.04 37.94 14.36
C ASN B 173 1.45 38.22 14.27
N LYS B 174 2.22 37.32 13.65
CA LYS B 174 3.65 37.52 13.44
C LYS B 174 3.97 38.09 12.07
N SER B 175 2.97 38.65 11.38
CA SER B 175 3.18 39.41 10.14
C SER B 175 3.75 38.52 9.03
N ILE B 176 3.30 37.27 8.99
CA ILE B 176 3.65 36.34 7.92
C ILE B 176 2.46 36.24 6.98
N ASN B 177 2.71 36.39 5.67
CA ASN B 177 1.62 36.35 4.69
C ASN B 177 0.82 35.07 4.81
N VAL B 178 -0.50 35.19 4.71
CA VAL B 178 -1.41 34.05 4.64
C VAL B 178 -2.10 34.09 3.28
N TYR B 179 -2.17 32.94 2.62
CA TYR B 179 -2.86 32.81 1.33
C TYR B 179 -3.99 31.80 1.48
N ASP B 180 -5.22 32.26 1.30
CA ASP B 180 -6.40 31.40 1.38
C ASP B 180 -7.03 31.37 -0.01
N LYS B 181 -6.87 30.24 -0.71
CA LYS B 181 -7.32 30.16 -2.10
C LYS B 181 -8.81 30.33 -2.23
N LYS B 182 -9.58 30.00 -1.20
CA LYS B 182 -11.04 30.09 -1.29
C LYS B 182 -11.56 31.52 -1.21
N THR B 183 -10.74 32.46 -0.73
CA THR B 183 -11.19 33.83 -0.54
C THR B 183 -10.26 34.89 -1.13
N MET B 184 -9.15 34.48 -1.73
CA MET B 184 -8.19 35.43 -2.29
C MET B 184 -7.84 35.03 -3.71
N ASP B 185 -7.56 36.03 -4.55
CA ASP B 185 -7.09 35.77 -5.91
C ASP B 185 -5.67 35.20 -5.87
N LYS B 186 -5.26 34.61 -7.00
CA LYS B 186 -3.90 34.09 -7.09
C LYS B 186 -2.86 35.21 -7.07
N SER B 187 -3.25 36.44 -7.43
CA SER B 187 -2.34 37.57 -7.35
C SER B 187 -2.00 37.92 -5.92
N ALA B 188 -2.81 37.49 -4.96
CA ALA B 188 -2.53 37.69 -3.54
C ALA B 188 -1.60 36.62 -2.97
N CYS B 189 -1.27 35.59 -3.74
CA CYS B 189 -0.33 34.56 -3.32
C CYS B 189 1.08 35.14 -3.39
N ILE B 190 1.46 35.84 -2.33
CA ILE B 190 2.73 36.53 -2.23
C ILE B 190 3.64 35.74 -1.30
N HIS B 191 4.82 35.36 -1.81
CA HIS B 191 5.74 34.48 -1.09
C HIS B 191 6.79 35.26 -0.29
N PRO B 192 7.23 34.70 0.85
CA PRO B 192 6.78 33.44 1.46
C PRO B 192 5.43 33.59 2.14
N CYS B 193 4.59 32.55 2.09
CA CYS B 193 3.27 32.63 2.70
C CYS B 193 2.91 31.31 3.35
N VAL B 194 1.96 31.41 4.27
CA VAL B 194 1.32 30.26 4.89
C VAL B 194 0.05 29.96 4.09
N HIS B 195 -0.03 28.75 3.53
CA HIS B 195 -1.23 28.34 2.81
C HIS B 195 -2.26 27.84 3.82
N ALA B 196 -3.47 28.39 3.75
CA ALA B 196 -4.50 28.16 4.76
C ALA B 196 -5.18 26.80 4.64
N GLU B 197 -4.84 26.01 3.62
CA GLU B 197 -5.34 24.65 3.54
C GLU B 197 -4.38 23.87 2.65
N GLY B 198 -4.51 22.55 2.68
CA GLY B 198 -3.78 21.72 1.74
C GLY B 198 -3.79 20.23 2.08
N SER B 199 -3.54 19.37 1.09
CA SER B 199 -3.56 17.93 1.28
C SER B 199 -2.15 17.35 1.12
N ALA B 200 -1.81 16.41 1.99
CA ALA B 200 -0.52 15.75 1.95
C ALA B 200 -0.71 14.29 1.53
N VAL B 201 0.19 13.79 0.68
CA VAL B 201 0.38 12.34 0.56
C VAL B 201 1.56 11.99 1.45
N THR B 202 1.37 10.99 2.31
CA THR B 202 2.45 10.49 3.15
C THR B 202 2.99 9.19 2.54
N ILE B 203 4.24 9.21 2.13
CA ILE B 203 4.90 8.03 1.62
C ILE B 203 5.80 7.45 2.71
N ASN B 204 6.19 6.18 2.55
CA ASN B 204 6.83 5.49 3.65
C ASN B 204 8.30 5.88 3.82
N GLY B 205 8.97 6.29 2.75
CA GLY B 205 10.40 6.51 2.81
C GLY B 205 11.15 5.20 2.97
N PRO B 206 12.49 5.27 3.06
CA PRO B 206 13.26 6.51 3.05
C PRO B 206 13.50 7.17 1.69
N ARG B 207 13.33 6.47 0.57
CA ARG B 207 13.62 7.10 -0.72
C ARG B 207 12.59 8.17 -1.06
N PHE B 208 13.01 9.16 -1.84
CA PHE B 208 12.07 10.11 -2.39
C PHE B 208 11.32 9.48 -3.57
N SER B 209 10.29 10.19 -4.04
CA SER B 209 9.42 9.71 -5.12
C SER B 209 10.14 9.70 -6.47
N THR B 210 9.67 8.85 -7.38
CA THR B 210 10.02 8.96 -8.78
C THR B 210 9.20 10.06 -9.43
N ARG B 211 9.64 10.49 -10.62
CA ARG B 211 8.85 11.47 -11.36
CA ARG B 211 8.87 11.45 -11.39
C ARG B 211 7.48 10.91 -11.70
N CYS B 212 7.39 9.62 -12.01
CA CYS B 212 6.11 8.97 -12.30
C CYS B 212 5.17 9.05 -11.09
N GLU B 213 5.68 8.70 -9.92
CA GLU B 213 4.87 8.80 -8.70
C GLU B 213 4.48 10.25 -8.42
N SER B 214 5.40 11.20 -8.61
CA SER B 214 5.08 12.60 -8.34
C SER B 214 3.95 13.09 -9.25
N PHE B 215 4.00 12.72 -10.53
CA PHE B 215 2.94 13.16 -11.44
C PHE B 215 1.60 12.49 -11.11
N ILE B 216 1.62 11.22 -10.70
CA ILE B 216 0.38 10.55 -10.30
C ILE B 216 -0.23 11.23 -9.08
N HIS B 217 0.59 11.56 -8.09
CA HIS B 217 0.08 12.26 -6.91
C HIS B 217 -0.45 13.63 -7.26
N LYS B 218 0.24 14.33 -8.16
CA LYS B 218 -0.22 15.65 -8.59
C LYS B 218 -1.58 15.54 -9.29
N ALA B 219 -1.74 14.54 -10.16
CA ALA B 219 -2.98 14.36 -10.90
C ALA B 219 -4.15 14.01 -9.98
N MET B 220 -3.86 13.39 -8.83
CA MET B 220 -4.87 13.12 -7.82
C MET B 220 -5.32 14.36 -7.07
N GLY B 221 -4.63 15.48 -7.23
CA GLY B 221 -4.98 16.72 -6.54
C GLY B 221 -4.23 17.00 -5.27
N LEU B 222 -3.24 16.19 -4.92
CA LEU B 222 -2.49 16.43 -3.68
C LEU B 222 -1.57 17.63 -3.84
N ASP B 223 -1.33 18.31 -2.72
CA ASP B 223 -0.50 19.52 -2.70
C ASP B 223 0.94 19.28 -2.31
N ILE B 224 1.19 18.41 -1.32
CA ILE B 224 2.55 18.19 -0.84
C ILE B 224 2.76 16.71 -0.59
N VAL B 225 4.03 16.32 -0.51
CA VAL B 225 4.44 14.95 -0.17
C VAL B 225 5.40 15.02 1.01
N ASN B 226 5.28 14.08 1.94
CA ASN B 226 6.06 14.08 3.18
C ASN B 226 6.07 12.64 3.69
N MET B 227 6.89 12.36 4.72
CA MET B 227 7.04 10.99 5.21
C MET B 227 6.59 10.75 6.65
N THR B 228 6.14 11.78 7.36
CA THR B 228 5.99 11.68 8.81
C THR B 228 4.62 12.04 9.36
N LEU B 229 3.71 12.56 8.54
CA LEU B 229 2.41 13.02 9.07
C LEU B 229 1.57 11.86 9.61
N VAL B 230 1.55 10.75 8.89
CA VAL B 230 0.75 9.59 9.23
C VAL B 230 1.72 8.52 9.74
N PRO B 231 1.39 7.84 10.85
CA PRO B 231 0.15 7.77 11.64
C PRO B 231 0.01 8.75 12.81
N GLU B 232 0.95 9.70 12.89
CA GLU B 232 0.95 10.66 14.00
C GLU B 232 -0.40 11.35 14.14
N VAL B 233 -0.93 11.89 13.03
CA VAL B 233 -2.20 12.61 13.10
C VAL B 233 -3.32 11.68 13.57
N SER B 234 -3.31 10.42 13.10
CA SER B 234 -4.35 9.46 13.47
C SER B 234 -4.29 9.09 14.94
N LEU B 235 -3.09 8.83 15.45
CA LEU B 235 -2.93 8.43 16.84
C LEU B 235 -3.28 9.57 17.79
N ALA B 236 -3.02 10.82 17.39
CA ALA B 236 -3.43 11.95 18.22
C ALA B 236 -4.95 11.98 18.44
N ARG B 237 -5.73 11.71 17.38
CA ARG B 237 -7.18 11.66 17.58
C ARG B 237 -7.59 10.46 18.42
N GLU B 238 -6.91 9.31 18.24
CA GLU B 238 -7.19 8.14 19.07
C GLU B 238 -6.96 8.44 20.54
N ALA B 239 -5.98 9.28 20.85
CA ALA B 239 -5.62 9.62 22.22
C ALA B 239 -6.47 10.74 22.77
N GLY B 240 -7.40 11.28 21.99
CA GLY B 240 -8.27 12.34 22.46
C GLY B 240 -7.66 13.72 22.44
N LEU B 241 -6.66 13.94 21.59
CA LEU B 241 -5.93 15.20 21.58
C LEU B 241 -6.28 15.99 20.34
N SER B 242 -6.19 17.32 20.47
CA SER B 242 -6.32 18.25 19.34
C SER B 242 -4.98 18.38 18.63
N TYR B 243 -4.92 18.01 17.36
CA TYR B 243 -3.68 17.95 16.59
C TYR B 243 -3.77 18.85 15.36
N ALA B 244 -2.70 19.61 15.10
CA ALA B 244 -2.57 20.35 13.85
C ALA B 244 -1.11 20.31 13.40
N SER B 245 -0.90 20.22 12.08
CA SER B 245 0.43 20.19 11.49
C SER B 245 0.69 21.46 10.69
N ILE B 246 1.91 21.98 10.80
CA ILE B 246 2.38 23.01 9.87
C ILE B 246 3.50 22.39 9.04
N ALA B 247 3.26 22.28 7.73
CA ALA B 247 4.25 21.69 6.83
C ALA B 247 5.15 22.78 6.28
N ILE B 248 6.44 22.47 6.15
CA ILE B 248 7.46 23.39 5.64
C ILE B 248 7.86 22.93 4.24
N VAL B 249 7.57 23.74 3.23
CA VAL B 249 7.94 23.37 1.86
C VAL B 249 9.45 23.55 1.72
N THR B 250 10.18 22.46 1.52
CA THR B 250 11.62 22.58 1.39
C THR B 250 12.05 22.70 -0.06
N ASP B 251 11.32 22.09 -0.98
CA ASP B 251 11.63 22.18 -2.41
C ASP B 251 10.39 21.76 -3.17
N PHE B 252 10.43 21.95 -4.48
CA PHE B 252 9.46 21.26 -5.32
C PHE B 252 9.83 19.78 -5.35
N ASP B 253 8.81 18.92 -5.29
CA ASP B 253 9.03 17.50 -5.56
C ASP B 253 9.44 17.34 -7.03
N CYS B 254 9.75 16.11 -7.44
CA CYS B 254 10.45 15.93 -8.71
C CYS B 254 9.52 15.97 -9.93
N TRP B 255 8.29 16.46 -9.81
CA TRP B 255 7.48 16.70 -11.00
C TRP B 255 8.01 17.87 -11.80
N LYS B 256 8.84 18.72 -11.19
CA LYS B 256 9.36 19.92 -11.81
C LYS B 256 10.83 19.73 -12.18
N VAL B 267 18.87 25.98 -1.11
CA VAL B 267 17.69 25.41 -0.46
C VAL B 267 17.92 25.35 1.05
N LEU B 268 19.15 25.05 1.46
CA LEU B 268 19.44 25.01 2.89
C LEU B 268 19.27 26.37 3.53
N GLU B 269 19.73 27.42 2.85
CA GLU B 269 19.56 28.77 3.40
C GLU B 269 18.09 29.13 3.52
N GLN B 270 17.26 28.73 2.55
CA GLN B 270 15.83 28.98 2.68
C GLN B 270 15.26 28.22 3.87
N PHE B 271 15.69 26.97 4.06
CA PHE B 271 15.14 26.16 5.14
C PHE B 271 15.48 26.74 6.51
N ARG B 272 16.68 27.32 6.64
CA ARG B 272 17.05 27.96 7.90
C ARG B 272 16.11 29.12 8.22
N LYS B 273 15.79 29.95 7.22
CA LYS B 273 14.80 31.00 7.44
C LYS B 273 13.43 30.41 7.76
N SER B 274 13.09 29.26 7.17
CA SER B 274 11.81 28.64 7.46
C SER B 274 11.72 28.22 8.92
N VAL B 275 12.80 27.65 9.45
CA VAL B 275 12.82 27.22 10.86
C VAL B 275 12.60 28.42 11.77
N VAL B 276 13.26 29.54 11.49
CA VAL B 276 13.12 30.73 12.32
C VAL B 276 11.67 31.17 12.40
N HIS B 277 10.97 31.18 11.26
CA HIS B 277 9.60 31.69 11.27
C HIS B 277 8.60 30.63 11.74
N VAL B 278 8.89 29.35 11.54
CA VAL B 278 8.01 28.33 12.12
C VAL B 278 8.10 28.36 13.63
N ARG B 279 9.30 28.63 14.17
CA ARG B 279 9.44 28.79 15.62
C ARG B 279 8.54 29.92 16.14
N GLU B 280 8.56 31.07 15.45
CA GLU B 280 7.70 32.18 15.84
C GLU B 280 6.23 31.79 15.82
N ILE B 281 5.82 31.05 14.79
CA ILE B 281 4.42 30.61 14.69
C ILE B 281 4.05 29.69 15.85
N LEU B 282 4.92 28.72 16.14
CA LEU B 282 4.62 27.77 17.22
C LEU B 282 4.48 28.50 18.56
N LEU B 283 5.43 29.38 18.88
CA LEU B 283 5.38 30.09 20.16
C LEU B 283 4.14 30.97 20.26
N GLU B 284 3.72 31.59 19.15
CA GLU B 284 2.52 32.41 19.19
C GLU B 284 1.28 31.53 19.29
N ALA B 285 1.30 30.37 18.61
CA ALA B 285 0.17 29.45 18.68
C ALA B 285 -0.03 28.93 20.10
N VAL B 286 1.06 28.65 20.82
CA VAL B 286 0.92 28.20 22.20
C VAL B 286 0.22 29.27 23.04
N ALA B 287 0.65 30.53 22.87
CA ALA B 287 0.01 31.61 23.61
C ALA B 287 -1.47 31.72 23.25
N LEU B 288 -1.81 31.55 21.97
CA LEU B 288 -3.20 31.73 21.54
C LEU B 288 -4.08 30.59 22.02
N ILE B 289 -3.55 29.37 22.09
CA ILE B 289 -4.32 28.26 22.67
C ILE B 289 -4.63 28.56 24.14
N GLY B 290 -3.62 29.00 24.88
CA GLY B 290 -3.84 29.35 26.29
C GLY B 290 -4.80 30.50 26.51
N ALA B 291 -5.18 31.24 25.47
CA ALA B 291 -6.01 32.43 25.63
C ALA B 291 -7.50 32.13 25.52
N GLU B 292 -7.89 30.87 25.28
CA GLU B 292 -9.29 30.50 25.14
C GLU B 292 -9.61 29.31 26.04
N ASP B 293 -10.91 29.11 26.27
CA ASP B 293 -11.41 27.92 26.96
C ASP B 293 -11.57 26.77 25.97
N TRP B 294 -11.11 25.58 26.35
CA TRP B 294 -11.19 24.41 25.51
C TRP B 294 -12.05 23.30 26.13
N THR B 295 -12.82 23.62 27.17
CA THR B 295 -13.52 22.59 27.94
C THR B 295 -14.38 21.69 27.06
N LYS B 296 -15.20 22.28 26.18
CA LYS B 296 -16.11 21.48 25.37
C LYS B 296 -15.39 20.74 24.24
N THR B 297 -14.33 21.33 23.68
CA THR B 297 -13.56 20.62 22.66
C THR B 297 -12.83 19.41 23.25
N ILE B 298 -12.21 19.58 24.43
CA ILE B 298 -11.55 18.46 25.10
C ILE B 298 -12.54 17.34 25.40
N GLU B 299 -13.73 17.71 25.90
CA GLU B 299 -14.79 16.74 26.15
C GLU B 299 -15.20 16.02 24.87
N ALA B 300 -15.40 16.77 23.78
CA ALA B 300 -15.76 16.16 22.52
C ALA B 300 -14.68 15.20 22.01
N ASN B 301 -13.41 15.60 22.13
CA ASN B 301 -12.31 14.71 21.73
C ASN B 301 -12.40 13.38 22.46
N LYS B 302 -12.64 13.43 23.77
CA LYS B 302 -12.70 12.20 24.56
C LYS B 302 -13.93 11.37 24.19
N ALA B 303 -15.08 12.02 24.03
CA ALA B 303 -16.30 11.29 23.71
C ALA B 303 -16.22 10.64 22.34
N LEU B 304 -15.50 11.24 21.40
CA LEU B 304 -15.39 10.63 20.07
C LEU B 304 -14.62 9.33 20.13
N VAL B 305 -13.59 9.25 20.98
CA VAL B 305 -12.90 7.97 21.16
C VAL B 305 -13.87 6.93 21.71
N MET B 306 -14.62 7.28 22.76
CA MET B 306 -15.50 6.31 23.37
C MET B 306 -16.60 5.85 22.42
N SER B 307 -17.14 6.78 21.61
CA SER B 307 -18.20 6.40 20.68
C SER B 307 -17.68 5.64 19.47
N SER B 308 -16.37 5.60 19.25
CA SER B 308 -15.80 4.87 18.13
C SER B 308 -15.38 3.45 18.51
N ARG B 309 -15.68 3.02 19.74
CA ARG B 309 -15.32 1.67 20.19
C ARG B 309 -16.41 0.70 19.75
N LEU B 310 -16.15 -0.03 18.67
CA LEU B 310 -17.18 -0.92 18.12
C LEU B 310 -17.40 -2.14 19.01
N ASP B 311 -16.36 -2.59 19.72
CA ASP B 311 -16.52 -3.73 20.62
C ASP B 311 -17.45 -3.43 21.79
N LEU B 312 -17.62 -2.16 22.17
CA LEU B 312 -18.46 -1.79 23.31
C LEU B 312 -19.95 -1.71 22.92
N LYS C 24 -21.02 -34.03 -2.95
CA LYS C 24 -21.75 -33.43 -1.83
C LYS C 24 -21.19 -32.04 -1.55
N VAL C 25 -22.07 -31.06 -1.36
CA VAL C 25 -21.62 -29.72 -1.06
C VAL C 25 -21.72 -29.49 0.44
N LYS C 26 -20.98 -28.49 0.90
CA LYS C 26 -21.03 -28.02 2.28
C LYS C 26 -20.65 -26.54 2.22
N VAL C 27 -21.52 -25.68 2.73
CA VAL C 27 -21.39 -24.24 2.56
C VAL C 27 -20.90 -23.63 3.86
N GLY C 28 -19.72 -23.04 3.81
CA GLY C 28 -19.25 -22.23 4.92
C GLY C 28 -19.77 -20.81 4.77
N ILE C 29 -20.01 -20.15 5.91
CA ILE C 29 -20.48 -18.77 5.94
C ILE C 29 -19.56 -17.99 6.88
N ILE C 30 -18.96 -16.94 6.36
CA ILE C 30 -18.16 -16.03 7.18
C ILE C 30 -19.00 -14.79 7.40
N GLY C 31 -19.46 -14.58 8.63
CA GLY C 31 -20.34 -13.47 8.93
C GLY C 31 -19.55 -12.27 9.43
N GLY C 32 -19.79 -11.13 8.81
CA GLY C 32 -19.16 -9.88 9.22
C GLY C 32 -19.96 -9.12 10.25
N SER C 33 -19.84 -7.79 10.21
CA SER C 33 -20.59 -6.93 11.11
C SER C 33 -22.08 -7.22 10.99
N GLY C 34 -22.76 -7.27 12.14
CA GLY C 34 -24.15 -7.68 12.19
C GLY C 34 -24.35 -9.17 12.28
N PHE C 35 -23.30 -9.96 12.06
CA PHE C 35 -23.33 -11.42 12.10
C PHE C 35 -22.24 -11.93 13.04
N ASP C 36 -21.98 -11.20 14.13
CA ASP C 36 -21.02 -11.65 15.14
C ASP C 36 -21.53 -12.90 15.86
N ASP C 37 -22.85 -13.04 15.99
CA ASP C 37 -23.47 -14.20 16.64
C ASP C 37 -24.71 -14.56 15.85
N PRO C 38 -24.55 -15.23 14.70
CA PRO C 38 -25.63 -15.31 13.70
C PRO C 38 -26.90 -16.04 14.14
N ASN C 39 -26.78 -17.33 14.44
CA ASN C 39 -27.94 -18.22 14.65
C ASN C 39 -28.78 -18.34 13.39
N LEU C 40 -28.17 -18.92 12.35
CA LEU C 40 -28.84 -19.16 11.07
C LEU C 40 -29.58 -20.50 11.02
N PHE C 41 -29.29 -21.41 11.95
CA PHE C 41 -29.92 -22.72 12.00
C PHE C 41 -29.77 -23.27 13.40
N LYS C 42 -30.46 -24.38 13.65
CA LYS C 42 -30.32 -25.09 14.92
C LYS C 42 -28.91 -25.65 15.01
N LYS C 43 -28.17 -25.26 16.06
CA LYS C 43 -26.79 -25.69 16.20
C LYS C 43 -26.73 -27.19 16.49
N VAL C 44 -26.12 -27.96 15.59
CA VAL C 44 -25.97 -29.39 15.78
C VAL C 44 -24.67 -29.73 16.49
N GLY C 45 -23.58 -29.06 16.14
CA GLY C 45 -22.30 -29.30 16.77
C GLY C 45 -21.43 -28.07 16.68
N VAL C 46 -20.37 -28.07 17.48
CA VAL C 46 -19.39 -26.99 17.46
C VAL C 46 -18.01 -27.60 17.32
N ARG C 47 -17.13 -26.90 16.61
CA ARG C 47 -15.76 -27.31 16.38
C ARG C 47 -14.83 -26.21 16.87
N GLN C 48 -14.01 -26.51 17.89
CA GLN C 48 -12.95 -25.60 18.30
C GLN C 48 -11.65 -26.17 17.75
N VAL C 49 -11.15 -25.57 16.67
CA VAL C 49 -10.05 -26.14 15.92
C VAL C 49 -8.90 -25.14 15.84
N THR C 50 -7.75 -25.65 15.46
CA THR C 50 -6.72 -24.76 14.95
C THR C 50 -6.28 -25.24 13.58
N THR C 51 -5.38 -24.49 12.97
CA THR C 51 -4.91 -24.73 11.62
C THR C 51 -3.40 -24.60 11.58
N PRO C 52 -2.76 -25.00 10.47
CA PRO C 52 -1.31 -24.75 10.34
C PRO C 52 -0.96 -23.27 10.33
N PHE C 53 -1.96 -22.38 10.22
CA PHE C 53 -1.71 -20.95 10.15
C PHE C 53 -2.20 -20.21 11.39
N GLY C 54 -2.53 -20.92 12.44
CA GLY C 54 -3.01 -20.31 13.67
C GLY C 54 -4.49 -20.57 13.89
N LYS C 55 -5.07 -19.82 14.88
CA LYS C 55 -6.45 -20.03 15.31
C LYS C 55 -7.41 -19.22 14.45
N PRO C 56 -8.53 -19.82 14.06
CA PRO C 56 -9.61 -19.03 13.45
C PRO C 56 -10.21 -18.07 14.47
N SER C 57 -11.07 -17.20 13.96
CA SER C 57 -11.63 -16.11 14.78
C SER C 57 -12.48 -16.61 15.93
N ASP C 58 -13.08 -17.79 15.81
CA ASP C 58 -13.94 -18.30 16.88
C ASP C 58 -14.24 -19.76 16.60
N THR C 59 -15.02 -20.36 17.51
CA THR C 59 -15.56 -21.69 17.30
C THR C 59 -16.40 -21.73 16.04
N LEU C 60 -16.32 -22.84 15.31
CA LEU C 60 -17.12 -23.05 14.11
C LEU C 60 -18.39 -23.80 14.47
N VAL C 61 -19.52 -23.35 13.95
CA VAL C 61 -20.84 -23.87 14.31
C VAL C 61 -21.40 -24.63 13.13
N GLU C 62 -21.83 -25.88 13.38
CA GLU C 62 -22.23 -26.81 12.35
C GLU C 62 -23.73 -27.06 12.39
N GLY C 63 -24.34 -27.19 11.22
CA GLY C 63 -25.75 -27.50 11.15
C GLY C 63 -26.20 -27.72 9.72
N PHE C 64 -27.50 -27.54 9.49
CA PHE C 64 -28.11 -27.82 8.20
C PHE C 64 -29.13 -26.74 7.85
N VAL C 65 -29.16 -26.38 6.57
CA VAL C 65 -30.28 -25.65 5.98
C VAL C 65 -31.00 -26.64 5.08
N GLY C 66 -32.18 -27.08 5.50
CA GLY C 66 -32.78 -28.23 4.83
C GLY C 66 -31.85 -29.42 4.98
N ASP C 67 -31.51 -30.03 3.85
CA ASP C 67 -30.60 -31.17 3.82
C ASP C 67 -29.17 -30.77 3.51
N VAL C 68 -28.85 -29.47 3.50
CA VAL C 68 -27.56 -28.98 3.05
C VAL C 68 -26.70 -28.64 4.26
N ALA C 69 -25.54 -29.30 4.39
CA ALA C 69 -24.62 -29.03 5.48
C ALA C 69 -24.05 -27.61 5.37
N CYS C 70 -23.93 -26.96 6.52
CA CYS C 70 -23.54 -25.55 6.61
C CYS C 70 -22.66 -25.36 7.84
N VAL C 71 -21.69 -24.45 7.75
CA VAL C 71 -20.79 -24.09 8.84
C VAL C 71 -20.71 -22.58 8.92
N VAL C 72 -20.84 -22.01 10.12
CA VAL C 72 -20.84 -20.56 10.32
C VAL C 72 -19.71 -20.15 11.24
N LEU C 73 -19.05 -19.05 10.88
CA LEU C 73 -17.92 -18.52 11.63
C LEU C 73 -18.00 -17.00 11.63
N PRO C 74 -17.95 -16.33 12.78
CA PRO C 74 -17.94 -14.85 12.78
C PRO C 74 -16.53 -14.30 12.53
N ARG C 75 -16.39 -13.49 11.49
CA ARG C 75 -15.07 -12.99 11.09
C ARG C 75 -14.35 -12.28 12.23
N HIS C 76 -15.10 -11.55 13.06
CA HIS C 76 -14.51 -10.75 14.13
C HIS C 76 -14.57 -11.43 15.49
N GLY C 77 -15.03 -12.67 15.55
CA GLY C 77 -15.28 -13.32 16.83
C GLY C 77 -16.56 -12.84 17.48
N LYS C 78 -17.03 -13.63 18.45
CA LYS C 78 -18.36 -13.42 19.03
C LYS C 78 -18.53 -12.01 19.59
N GLY C 79 -17.51 -11.46 20.22
CA GLY C 79 -17.64 -10.13 20.80
C GLY C 79 -17.21 -8.99 19.90
N HIS C 80 -16.97 -9.26 18.62
CA HIS C 80 -16.38 -8.29 17.69
C HIS C 80 -15.13 -7.66 18.29
N LEU C 81 -14.25 -8.51 18.82
CA LEU C 81 -13.01 -8.05 19.45
C LEU C 81 -11.80 -8.01 18.51
N ILE C 82 -11.90 -8.56 17.31
CA ILE C 82 -10.75 -8.67 16.40
C ILE C 82 -10.93 -7.66 15.27
N PRO C 83 -10.02 -6.71 15.10
CA PRO C 83 -10.17 -5.70 14.04
C PRO C 83 -9.80 -6.27 12.69
N PRO C 84 -10.19 -5.61 11.59
CA PRO C 84 -9.95 -6.17 10.25
C PRO C 84 -8.51 -6.57 9.97
N SER C 85 -7.54 -5.73 10.34
CA SER C 85 -6.15 -6.03 10.01
C SER C 85 -5.62 -7.23 10.78
N GLU C 86 -6.26 -7.61 11.88
CA GLU C 86 -5.77 -8.69 12.74
C GLU C 86 -6.51 -10.02 12.56
N VAL C 87 -7.60 -10.03 11.77
CA VAL C 87 -8.32 -11.26 11.45
C VAL C 87 -7.36 -12.25 10.82
N ASN C 88 -7.42 -13.49 11.27
CA ASN C 88 -6.58 -14.53 10.69
C ASN C 88 -7.35 -15.14 9.52
N TYR C 89 -7.28 -14.44 8.38
CA TYR C 89 -7.99 -14.87 7.18
C TYR C 89 -7.54 -16.25 6.73
N ARG C 90 -6.24 -16.52 6.83
CA ARG C 90 -5.73 -17.83 6.44
C ARG C 90 -6.35 -18.93 7.29
N ALA C 91 -6.40 -18.73 8.61
CA ALA C 91 -6.94 -19.76 9.49
C ALA C 91 -8.44 -19.95 9.27
N ASN C 92 -9.18 -18.87 9.04
CA ASN C 92 -10.62 -18.99 8.82
C ASN C 92 -10.90 -19.80 7.56
N VAL C 93 -10.24 -19.44 6.46
CA VAL C 93 -10.44 -20.17 5.20
C VAL C 93 -9.98 -21.62 5.34
N TRP C 94 -8.82 -21.85 5.95
CA TRP C 94 -8.30 -23.21 6.02
C TRP C 94 -9.16 -24.08 6.94
N ALA C 95 -9.65 -23.51 8.03
CA ALA C 95 -10.53 -24.26 8.92
C ALA C 95 -11.78 -24.73 8.19
N LEU C 96 -12.36 -23.86 7.36
CA LEU C 96 -13.54 -24.25 6.60
C LEU C 96 -13.19 -25.31 5.55
N LYS C 97 -12.03 -25.17 4.90
CA LYS C 97 -11.56 -26.20 3.98
C LYS C 97 -11.36 -27.54 4.69
N ASP C 98 -10.78 -27.51 5.90
CA ASP C 98 -10.50 -28.75 6.63
C ASP C 98 -11.76 -29.49 7.00
N LEU C 99 -12.87 -28.78 7.21
CA LEU C 99 -14.17 -29.38 7.54
C LEU C 99 -14.91 -29.88 6.32
N GLY C 100 -14.35 -29.68 5.12
CA GLY C 100 -14.97 -30.17 3.91
C GLY C 100 -15.86 -29.17 3.18
N CYS C 101 -15.77 -27.89 3.50
CA CYS C 101 -16.56 -26.90 2.76
C CYS C 101 -16.13 -26.88 1.30
N THR C 102 -17.12 -26.74 0.42
CA THR C 102 -16.93 -26.56 -1.01
C THR C 102 -17.12 -25.10 -1.43
N HIS C 103 -17.88 -24.36 -0.64
CA HIS C 103 -18.24 -22.97 -0.91
C HIS C 103 -18.02 -22.14 0.34
N ILE C 104 -17.75 -20.84 0.15
CA ILE C 104 -17.83 -19.85 1.22
C ILE C 104 -18.72 -18.69 0.76
N LEU C 105 -19.74 -18.37 1.55
CA LEU C 105 -20.49 -17.12 1.39
C LEU C 105 -20.07 -16.17 2.50
N ALA C 106 -19.76 -14.92 2.12
CA ALA C 106 -19.27 -13.92 3.06
C ALA C 106 -20.17 -12.68 3.04
N THR C 107 -20.35 -12.07 4.21
CA THR C 107 -20.96 -10.74 4.28
C THR C 107 -19.90 -9.70 4.64
N ASN C 108 -20.06 -8.47 4.13
CA ASN C 108 -19.06 -7.42 4.33
C ASN C 108 -19.78 -6.06 4.39
N ALA C 109 -19.74 -5.40 5.53
CA ALA C 109 -20.33 -4.08 5.65
C ALA C 109 -19.43 -3.05 4.94
N CYS C 110 -20.05 -2.03 4.33
CA CYS C 110 -19.27 -1.11 3.53
C CYS C 110 -19.90 0.29 3.50
N GLY C 111 -19.10 1.24 3.03
CA GLY C 111 -19.56 2.58 2.74
C GLY C 111 -19.68 2.78 1.24
N SER C 112 -20.65 3.59 0.83
CA SER C 112 -20.85 3.83 -0.59
C SER C 112 -19.97 4.96 -1.09
N LEU C 113 -19.42 4.79 -2.30
CA LEU C 113 -18.68 5.83 -2.99
C LEU C 113 -19.46 6.44 -4.14
N GLN C 114 -20.72 6.04 -4.35
CA GLN C 114 -21.44 6.44 -5.55
C GLN C 114 -22.90 6.72 -5.22
N GLU C 115 -23.49 7.69 -5.94
CA GLU C 115 -24.83 8.19 -5.60
C GLU C 115 -25.90 7.11 -5.70
N ASP C 116 -25.76 6.15 -6.62
CA ASP C 116 -26.79 5.15 -6.80
C ASP C 116 -26.68 3.99 -5.82
N LEU C 117 -25.62 3.92 -5.02
CA LEU C 117 -25.52 2.93 -3.93
C LEU C 117 -25.86 3.62 -2.61
N VAL C 118 -27.04 3.34 -2.09
CA VAL C 118 -27.52 4.10 -0.93
C VAL C 118 -27.65 3.16 0.27
N PRO C 119 -27.51 3.68 1.49
CA PRO C 119 -27.62 2.81 2.68
C PRO C 119 -28.90 2.01 2.66
N GLY C 120 -28.76 0.72 2.96
CA GLY C 120 -29.84 -0.21 2.80
C GLY C 120 -29.74 -1.08 1.56
N ASP C 121 -28.96 -0.66 0.56
CA ASP C 121 -28.67 -1.49 -0.59
C ASP C 121 -27.64 -2.58 -0.24
N PHE C 122 -27.55 -3.56 -1.15
CA PHE C 122 -26.54 -4.62 -1.09
C PHE C 122 -25.80 -4.66 -2.43
N VAL C 123 -24.60 -5.22 -2.43
CA VAL C 123 -23.83 -5.39 -3.66
C VAL C 123 -23.29 -6.81 -3.69
N VAL C 124 -23.60 -7.55 -4.76
CA VAL C 124 -22.92 -8.83 -5.00
C VAL C 124 -21.68 -8.48 -5.82
N LEU C 125 -20.56 -8.33 -5.12
CA LEU C 125 -19.35 -7.79 -5.71
C LEU C 125 -18.84 -8.70 -6.83
N ASN C 126 -18.25 -8.08 -7.86
CA ASN C 126 -17.48 -8.88 -8.82
C ASN C 126 -16.03 -8.41 -9.01
N GLN C 127 -15.62 -7.29 -8.42
CA GLN C 127 -14.28 -6.75 -8.64
C GLN C 127 -13.76 -6.11 -7.36
N PHE C 128 -12.44 -5.92 -7.28
CA PHE C 128 -11.90 -5.15 -6.17
C PHE C 128 -10.57 -4.49 -6.52
N MET C 129 -10.24 -3.45 -5.75
CA MET C 129 -8.90 -2.85 -5.74
C MET C 129 -8.33 -2.97 -4.33
N ASP C 130 -7.09 -3.47 -4.23
CA ASP C 130 -6.52 -3.86 -2.95
C ASP C 130 -5.60 -2.75 -2.43
N LYS C 131 -5.94 -2.20 -1.26
CA LYS C 131 -5.06 -1.28 -0.55
C LYS C 131 -4.75 -1.78 0.86
N THR C 132 -4.84 -3.08 1.09
CA THR C 132 -4.39 -3.67 2.35
C THR C 132 -2.90 -3.96 2.28
N TRP C 133 -2.29 -4.02 3.47
CA TRP C 133 -0.88 -4.37 3.63
C TRP C 133 -0.72 -5.01 5.01
N GLY C 134 0.37 -5.76 5.18
CA GLY C 134 0.68 -6.32 6.48
C GLY C 134 -0.16 -7.51 6.90
N ARG C 135 -1.01 -8.02 6.02
CA ARG C 135 -1.83 -9.19 6.32
C ARG C 135 -1.24 -10.40 5.60
N GLU C 136 -1.32 -11.56 6.23
CA GLU C 136 -0.92 -12.79 5.55
C GLU C 136 -1.94 -13.09 4.46
N ASN C 137 -1.50 -13.08 3.20
CA ASN C 137 -2.45 -13.17 2.10
C ASN C 137 -2.21 -14.36 1.18
N THR C 138 -1.30 -15.28 1.53
CA THR C 138 -1.10 -16.48 0.73
C THR C 138 -0.74 -17.63 1.64
N PHE C 139 -1.20 -18.83 1.28
CA PHE C 139 -0.81 -20.03 2.02
C PHE C 139 0.59 -20.53 1.66
N TYR C 140 1.19 -20.04 0.58
CA TYR C 140 2.39 -20.62 0.00
C TYR C 140 3.59 -19.69 0.11
N GLY C 141 4.78 -20.28 0.02
CA GLY C 141 5.99 -19.49 0.01
C GLY C 141 7.22 -20.33 0.27
N SER C 142 8.34 -19.65 0.41
CA SER C 142 9.63 -20.33 0.53
C SER C 142 10.04 -20.58 1.97
N LYS C 143 9.31 -20.02 2.94
CA LYS C 143 9.62 -20.21 4.35
C LYS C 143 9.06 -21.54 4.86
N PRO C 144 9.65 -22.11 5.91
CA PRO C 144 9.17 -23.40 6.42
C PRO C 144 7.73 -23.37 6.95
N ASP C 145 7.24 -22.22 7.43
CA ASP C 145 5.90 -22.16 8.02
C ASP C 145 4.79 -21.98 7.00
N SER C 146 5.09 -21.84 5.71
CA SER C 146 4.07 -21.82 4.68
C SER C 146 4.13 -23.11 3.88
N LEU C 147 3.06 -23.38 3.12
CA LEU C 147 3.07 -24.55 2.26
C LEU C 147 4.18 -24.42 1.23
N LYS C 148 4.75 -25.55 0.84
CA LYS C 148 5.85 -25.54 -0.11
C LYS C 148 5.34 -25.23 -1.51
N GLY C 149 6.10 -24.44 -2.25
CA GLY C 149 5.76 -24.06 -3.60
C GLY C 149 5.46 -22.58 -3.71
N VAL C 150 5.28 -22.14 -4.94
CA VAL C 150 4.93 -20.76 -5.26
C VAL C 150 3.65 -20.77 -6.07
N LEU C 151 2.67 -19.98 -5.64
CA LEU C 151 1.36 -19.94 -6.27
C LEU C 151 1.11 -18.53 -6.77
N HIS C 152 0.92 -18.39 -8.10
CA HIS C 152 0.58 -17.13 -8.76
C HIS C 152 -0.82 -17.33 -9.34
N MET C 153 -1.85 -16.97 -8.57
CA MET C 153 -3.24 -17.23 -8.97
C MET C 153 -3.73 -16.13 -9.91
N PRO C 154 -4.37 -16.48 -11.02
CA PRO C 154 -5.11 -15.47 -11.80
C PRO C 154 -6.24 -14.90 -10.94
N MET C 155 -6.46 -13.60 -11.08
CA MET C 155 -7.49 -12.92 -10.28
C MET C 155 -8.30 -11.93 -11.12
N ALA C 156 -8.30 -12.07 -12.45
CA ALA C 156 -8.99 -11.10 -13.32
C ALA C 156 -10.43 -10.89 -12.88
N GLU C 157 -11.18 -11.98 -12.70
CA GLU C 157 -12.54 -11.96 -12.17
C GLU C 157 -12.48 -12.83 -10.92
N PRO C 158 -12.27 -12.24 -9.75
CA PRO C 158 -11.73 -13.00 -8.61
C PRO C 158 -12.73 -13.82 -7.82
N PHE C 159 -14.03 -13.79 -8.15
CA PHE C 159 -15.05 -14.55 -7.42
C PHE C 159 -15.45 -15.79 -8.22
N CYS C 160 -16.20 -16.69 -7.58
CA CYS C 160 -16.84 -17.79 -8.28
C CYS C 160 -18.13 -17.26 -8.91
N GLU C 161 -18.16 -17.17 -10.25
CA GLU C 161 -19.28 -16.51 -10.92
C GLU C 161 -20.59 -17.27 -10.72
N ARG C 162 -20.55 -18.60 -10.79
CA ARG C 162 -21.74 -19.40 -10.53
C ARG C 162 -22.32 -19.10 -9.15
N THR C 163 -21.45 -18.96 -8.14
CA THR C 163 -21.92 -18.66 -6.80
C THR C 163 -22.43 -17.22 -6.68
N ARG C 164 -21.80 -16.26 -7.38
CA ARG C 164 -22.36 -14.90 -7.42
C ARG C 164 -23.79 -14.92 -7.93
N GLN C 165 -24.05 -15.65 -9.03
CA GLN C 165 -25.40 -15.65 -9.58
C GLN C 165 -26.39 -16.31 -8.64
N ILE C 166 -25.91 -17.22 -7.77
CA ILE C 166 -26.78 -17.81 -6.76
C ILE C 166 -27.25 -16.74 -5.78
N LEU C 167 -26.30 -15.93 -5.27
CA LEU C 167 -26.68 -14.85 -4.36
C LEU C 167 -27.71 -13.92 -4.99
N ILE C 168 -27.52 -13.58 -6.27
CA ILE C 168 -28.44 -12.66 -6.93
C ILE C 168 -29.81 -13.29 -7.08
N GLN C 169 -29.86 -14.57 -7.51
CA GLN C 169 -31.13 -15.27 -7.64
C GLN C 169 -31.81 -15.46 -6.29
N ALA C 170 -31.02 -15.67 -5.22
CA ALA C 170 -31.60 -15.78 -3.90
C ALA C 170 -32.33 -14.48 -3.51
N ALA C 171 -31.75 -13.34 -3.85
CA ALA C 171 -32.42 -12.06 -3.58
C ALA C 171 -33.73 -11.94 -4.37
N ARG C 172 -33.70 -12.29 -5.66
CA ARG C 172 -34.95 -12.30 -6.44
C ARG C 172 -35.99 -13.18 -5.77
N ASN C 173 -35.58 -14.37 -5.32
CA ASN C 173 -36.52 -15.32 -4.72
C ASN C 173 -37.09 -14.82 -3.41
N LYS C 174 -36.40 -13.92 -2.72
CA LYS C 174 -36.87 -13.35 -1.46
C LYS C 174 -37.46 -11.96 -1.65
N SER C 175 -37.87 -11.61 -2.88
CA SER C 175 -38.63 -10.40 -3.17
C SER C 175 -37.81 -9.13 -2.91
N ILE C 176 -36.51 -9.16 -3.21
CA ILE C 176 -35.66 -7.98 -3.07
C ILE C 176 -35.32 -7.49 -4.46
N ASN C 177 -35.43 -6.18 -4.68
CA ASN C 177 -35.14 -5.58 -5.98
C ASN C 177 -33.71 -5.89 -6.40
N VAL C 178 -33.52 -6.18 -7.69
CA VAL C 178 -32.20 -6.39 -8.28
C VAL C 178 -32.00 -5.37 -9.39
N TYR C 179 -30.88 -4.66 -9.34
CA TYR C 179 -30.56 -3.61 -10.31
C TYR C 179 -29.26 -3.97 -11.02
N ASP C 180 -29.32 -4.11 -12.35
CA ASP C 180 -28.14 -4.40 -13.17
C ASP C 180 -27.92 -3.23 -14.11
N LYS C 181 -26.89 -2.40 -13.82
CA LYS C 181 -26.73 -1.20 -14.63
C LYS C 181 -26.29 -1.50 -16.05
N LYS C 182 -25.85 -2.72 -16.35
CA LYS C 182 -25.42 -3.03 -17.71
C LYS C 182 -26.60 -3.19 -18.67
N THR C 183 -27.76 -3.62 -18.17
CA THR C 183 -28.92 -3.85 -19.02
C THR C 183 -30.14 -3.04 -18.67
N MET C 184 -30.16 -2.37 -17.51
CA MET C 184 -31.33 -1.62 -17.08
C MET C 184 -31.03 -0.12 -17.06
N ASP C 185 -32.06 0.68 -17.27
CA ASP C 185 -31.88 2.12 -17.11
C ASP C 185 -31.97 2.48 -15.63
N LYS C 186 -31.57 3.72 -15.30
CA LYS C 186 -31.52 4.14 -13.91
C LYS C 186 -32.89 4.07 -13.24
N SER C 187 -33.97 4.06 -14.03
CA SER C 187 -35.31 3.92 -13.48
C SER C 187 -35.53 2.59 -12.76
N ALA C 188 -34.70 1.58 -13.03
CA ALA C 188 -34.80 0.30 -12.34
C ALA C 188 -34.01 0.28 -11.04
N CYS C 189 -33.29 1.36 -10.71
CA CYS C 189 -32.52 1.44 -9.47
C CYS C 189 -33.49 1.85 -8.36
N ILE C 190 -34.26 0.86 -7.89
CA ILE C 190 -35.32 1.06 -6.91
C ILE C 190 -34.81 0.58 -5.56
N HIS C 191 -34.76 1.48 -4.58
CA HIS C 191 -34.15 1.15 -3.28
C HIS C 191 -35.17 0.60 -2.28
N PRO C 192 -34.74 -0.35 -1.43
CA PRO C 192 -33.41 -0.98 -1.42
C PRO C 192 -33.27 -2.04 -2.51
N CYS C 193 -32.06 -2.15 -3.08
CA CYS C 193 -31.83 -3.12 -4.13
C CYS C 193 -30.48 -3.78 -3.95
N VAL C 194 -30.39 -4.99 -4.49
CA VAL C 194 -29.13 -5.69 -4.70
C VAL C 194 -28.56 -5.21 -6.02
N HIS C 195 -27.37 -4.61 -5.98
CA HIS C 195 -26.66 -4.26 -7.20
C HIS C 195 -25.98 -5.50 -7.74
N ALA C 196 -26.26 -5.83 -8.99
CA ALA C 196 -25.85 -7.12 -9.56
C ALA C 196 -24.37 -7.21 -9.89
N GLU C 197 -23.66 -6.08 -9.88
CA GLU C 197 -22.21 -6.05 -10.02
C GLU C 197 -21.69 -4.88 -9.19
N GLY C 198 -20.38 -4.89 -8.95
CA GLY C 198 -19.79 -3.78 -8.22
C GLY C 198 -18.35 -4.02 -7.81
N SER C 199 -17.61 -2.95 -7.58
CA SER C 199 -16.19 -3.02 -7.23
C SER C 199 -15.96 -2.44 -5.85
N ALA C 200 -15.07 -3.06 -5.09
CA ALA C 200 -14.76 -2.59 -3.74
C ALA C 200 -13.29 -2.21 -3.68
N VAL C 201 -12.99 -1.11 -2.97
CA VAL C 201 -11.63 -0.87 -2.50
C VAL C 201 -11.54 -1.40 -1.07
N THR C 202 -10.54 -2.22 -0.78
CA THR C 202 -10.32 -2.72 0.57
C THR C 202 -9.20 -1.92 1.20
N ILE C 203 -9.52 -1.20 2.27
CA ILE C 203 -8.53 -0.42 2.99
C ILE C 203 -8.15 -1.17 4.28
N ASN C 204 -7.02 -0.80 4.86
CA ASN C 204 -6.49 -1.57 5.99
C ASN C 204 -7.26 -1.29 7.28
N GLY C 205 -7.73 -0.06 7.47
CA GLY C 205 -8.23 0.35 8.75
C GLY C 205 -7.15 0.40 9.81
N PRO C 206 -7.56 0.51 11.09
CA PRO C 206 -8.95 0.54 11.54
C PRO C 206 -9.67 1.87 11.31
N ARG C 207 -8.92 2.94 11.02
CA ARG C 207 -9.54 4.25 10.84
C ARG C 207 -10.34 4.29 9.54
N PHE C 208 -11.38 5.12 9.53
CA PHE C 208 -12.09 5.36 8.28
C PHE C 208 -11.27 6.29 7.40
N SER C 209 -11.69 6.44 6.14
CA SER C 209 -10.96 7.26 5.18
C SER C 209 -11.11 8.75 5.46
N THR C 210 -10.11 9.52 5.04
CA THR C 210 -10.27 10.97 4.96
C THR C 210 -11.14 11.32 3.76
N ARG C 211 -11.67 12.56 3.76
CA ARG C 211 -12.41 13.01 2.59
C ARG C 211 -11.53 12.98 1.33
N CYS C 212 -10.24 13.29 1.49
CA CYS C 212 -9.32 13.25 0.37
C CYS C 212 -9.23 11.84 -0.24
N GLU C 213 -9.03 10.84 0.62
CA GLU C 213 -8.98 9.45 0.16
C GLU C 213 -10.29 9.03 -0.48
N SER C 214 -11.43 9.45 0.09
CA SER C 214 -12.72 9.02 -0.43
C SER C 214 -12.93 9.57 -1.85
N PHE C 215 -12.59 10.85 -2.05
CA PHE C 215 -12.73 11.43 -3.40
CA PHE C 215 -12.68 11.47 -3.39
C PHE C 215 -11.80 10.74 -4.39
N ILE C 216 -10.58 10.38 -3.98
CA ILE C 216 -9.66 9.67 -4.87
C ILE C 216 -10.21 8.31 -5.26
N HIS C 217 -10.76 7.56 -4.30
CA HIS C 217 -11.31 6.25 -4.63
C HIS C 217 -12.53 6.39 -5.52
N LYS C 218 -13.38 7.38 -5.24
CA LYS C 218 -14.53 7.64 -6.11
C LYS C 218 -14.09 7.97 -7.53
N ALA C 219 -13.04 8.81 -7.66
CA ALA C 219 -12.57 9.21 -8.99
C ALA C 219 -12.01 8.04 -9.78
N MET C 220 -11.45 7.03 -9.11
CA MET C 220 -11.01 5.79 -9.76
C MET C 220 -12.17 4.93 -10.25
N GLY C 221 -13.41 5.28 -9.91
CA GLY C 221 -14.57 4.51 -10.33
C GLY C 221 -14.97 3.36 -9.43
N LEU C 222 -14.51 3.33 -8.18
CA LEU C 222 -14.88 2.26 -7.27
C LEU C 222 -16.26 2.53 -6.67
N ASP C 223 -16.98 1.44 -6.35
CA ASP C 223 -18.35 1.58 -5.88
C ASP C 223 -18.48 1.66 -4.36
N ILE C 224 -17.71 0.86 -3.62
CA ILE C 224 -17.82 0.82 -2.16
C ILE C 224 -16.42 0.70 -1.56
N VAL C 225 -16.33 1.00 -0.26
CA VAL C 225 -15.09 0.86 0.50
C VAL C 225 -15.35 -0.04 1.71
N ASN C 226 -14.41 -0.92 2.04
CA ASN C 226 -14.60 -1.89 3.11
C ASN C 226 -13.21 -2.32 3.59
N MET C 227 -13.15 -3.03 4.71
CA MET C 227 -11.85 -3.39 5.31
C MET C 227 -11.55 -4.88 5.35
N THR C 228 -12.45 -5.76 4.88
CA THR C 228 -12.35 -7.19 5.17
C THR C 228 -12.41 -8.12 3.97
N LEU C 229 -12.75 -7.64 2.77
CA LEU C 229 -12.89 -8.54 1.62
C LEU C 229 -11.57 -9.21 1.27
N VAL C 230 -10.49 -8.45 1.26
CA VAL C 230 -9.16 -8.97 0.89
C VAL C 230 -8.36 -9.08 2.20
N PRO C 231 -7.62 -10.19 2.38
CA PRO C 231 -7.32 -11.27 1.44
C PRO C 231 -8.27 -12.48 1.48
N GLU C 232 -9.42 -12.33 2.13
CA GLU C 232 -10.35 -13.45 2.25
C GLU C 232 -10.70 -14.04 0.89
N VAL C 233 -11.06 -13.19 -0.06
CA VAL C 233 -11.48 -13.68 -1.38
C VAL C 233 -10.31 -14.38 -2.08
N SER C 234 -9.10 -13.84 -1.94
CA SER C 234 -7.91 -14.42 -2.55
C SER C 234 -7.59 -15.79 -1.96
N LEU C 235 -7.61 -15.89 -0.63
CA LEU C 235 -7.29 -17.14 0.03
C LEU C 235 -8.31 -18.23 -0.28
N ALA C 236 -9.59 -17.85 -0.43
CA ALA C 236 -10.60 -18.83 -0.82
C ALA C 236 -10.26 -19.49 -2.15
N ARG C 237 -9.83 -18.70 -3.13
CA ARG C 237 -9.45 -19.27 -4.42
C ARG C 237 -8.20 -20.14 -4.29
N GLU C 238 -7.24 -19.74 -3.45
CA GLU C 238 -6.05 -20.57 -3.23
C GLU C 238 -6.43 -21.92 -2.62
N ALA C 239 -7.47 -21.94 -1.79
CA ALA C 239 -7.93 -23.16 -1.13
C ALA C 239 -8.82 -24.00 -2.02
N GLY C 240 -9.05 -23.59 -3.27
CA GLY C 240 -9.90 -24.34 -4.15
C GLY C 240 -11.37 -24.30 -3.78
N LEU C 241 -11.82 -23.22 -3.16
CA LEU C 241 -13.21 -23.04 -2.76
C LEU C 241 -13.91 -21.99 -3.61
N SER C 242 -15.22 -22.16 -3.80
CA SER C 242 -16.07 -21.19 -4.48
C SER C 242 -16.52 -20.12 -3.50
N TYR C 243 -16.16 -18.86 -3.77
CA TYR C 243 -16.38 -17.75 -2.85
C TYR C 243 -17.23 -16.66 -3.50
N ALA C 244 -18.19 -16.12 -2.74
CA ALA C 244 -18.93 -14.93 -3.16
C ALA C 244 -19.25 -14.08 -1.94
N SER C 245 -19.24 -12.77 -2.13
CA SER C 245 -19.50 -11.81 -1.06
C SER C 245 -20.77 -11.04 -1.35
N ILE C 246 -21.57 -10.80 -0.31
CA ILE C 246 -22.65 -9.82 -0.39
C ILE C 246 -22.28 -8.68 0.54
N ALA C 247 -22.12 -7.49 -0.03
CA ALA C 247 -21.77 -6.32 0.75
C ALA C 247 -23.04 -5.57 1.16
N ILE C 248 -23.04 -5.06 2.40
CA ILE C 248 -24.16 -4.33 2.96
C ILE C 248 -23.78 -2.86 3.03
N VAL C 249 -24.49 -2.00 2.32
CA VAL C 249 -24.18 -0.58 2.36
C VAL C 249 -24.74 0.01 3.65
N THR C 250 -23.85 0.46 4.54
CA THR C 250 -24.28 0.99 5.83
C THR C 250 -24.32 2.51 5.87
N ASP C 251 -23.54 3.21 5.04
CA ASP C 251 -23.68 4.66 4.91
C ASP C 251 -22.96 5.09 3.64
N PHE C 252 -23.09 6.37 3.30
CA PHE C 252 -22.20 6.94 2.31
C PHE C 252 -20.86 7.21 2.97
N ASP C 253 -19.78 6.86 2.28
CA ASP C 253 -18.46 7.26 2.72
C ASP C 253 -18.36 8.79 2.72
N CYS C 254 -17.27 9.32 3.28
CA CYS C 254 -17.25 10.73 3.65
C CYS C 254 -17.05 11.69 2.47
N TRP C 255 -17.00 11.20 1.22
CA TRP C 255 -17.08 12.13 0.11
C TRP C 255 -18.38 12.92 0.14
N LYS C 256 -19.44 12.31 0.66
CA LYS C 256 -20.74 12.96 0.80
C LYS C 256 -20.91 13.54 2.20
N CYS C 263 -30.03 12.47 12.47
CA CYS C 263 -30.70 11.29 13.00
C CYS C 263 -29.76 10.07 12.99
N VAL C 264 -29.87 9.22 14.01
CA VAL C 264 -29.02 8.03 14.12
C VAL C 264 -29.86 6.81 14.46
N ASP C 265 -31.01 7.02 15.12
CA ASP C 265 -31.88 5.90 15.43
C ASP C 265 -32.42 5.22 14.17
N MET C 266 -32.62 6.00 13.10
CA MET C 266 -33.05 5.42 11.83
C MET C 266 -31.93 4.67 11.13
N VAL C 267 -30.68 5.10 11.32
CA VAL C 267 -29.55 4.38 10.74
C VAL C 267 -29.43 3.00 11.35
N LEU C 268 -29.48 2.93 12.69
CA LEU C 268 -29.36 1.64 13.34
C LEU C 268 -30.52 0.73 12.98
N GLU C 269 -31.73 1.28 12.89
CA GLU C 269 -32.88 0.47 12.48
C GLU C 269 -32.74 0.01 11.02
N GLN C 270 -32.26 0.90 10.15
CA GLN C 270 -32.00 0.50 8.75
C GLN C 270 -30.99 -0.64 8.69
N PHE C 271 -29.91 -0.56 9.47
CA PHE C 271 -28.93 -1.64 9.47
C PHE C 271 -29.54 -2.95 9.97
N ARG C 272 -30.37 -2.87 11.01
CA ARG C 272 -31.06 -4.07 11.50
C ARG C 272 -31.90 -4.71 10.40
N LYS C 273 -32.66 -3.90 9.66
CA LYS C 273 -33.45 -4.43 8.56
C LYS C 273 -32.58 -5.01 7.46
N SER C 274 -31.43 -4.37 7.18
CA SER C 274 -30.49 -4.94 6.20
C SER C 274 -30.03 -6.32 6.62
N VAL C 275 -29.74 -6.51 7.91
CA VAL C 275 -29.26 -7.80 8.38
C VAL C 275 -30.34 -8.85 8.20
N VAL C 276 -31.59 -8.49 8.47
CA VAL C 276 -32.69 -9.44 8.26
C VAL C 276 -32.74 -9.88 6.80
N HIS C 277 -32.61 -8.92 5.86
CA HIS C 277 -32.63 -9.26 4.45
C HIS C 277 -31.45 -10.13 4.05
N VAL C 278 -30.26 -9.88 4.61
CA VAL C 278 -29.11 -10.68 4.20
C VAL C 278 -29.23 -12.10 4.76
N ARG C 279 -29.76 -12.23 5.97
CA ARG C 279 -30.05 -13.57 6.50
C ARG C 279 -30.99 -14.33 5.56
N GLU C 280 -32.02 -13.66 5.04
CA GLU C 280 -32.93 -14.28 4.07
C GLU C 280 -32.17 -14.71 2.82
N ILE C 281 -31.33 -13.82 2.29
CA ILE C 281 -30.54 -14.14 1.09
C ILE C 281 -29.63 -15.34 1.34
N LEU C 282 -28.93 -15.36 2.49
CA LEU C 282 -27.97 -16.42 2.77
C LEU C 282 -28.66 -17.77 2.85
N LEU C 283 -29.77 -17.85 3.59
CA LEU C 283 -30.45 -19.13 3.75
C LEU C 283 -31.02 -19.64 2.43
N GLU C 284 -31.60 -18.75 1.63
CA GLU C 284 -32.06 -19.15 0.30
C GLU C 284 -30.89 -19.56 -0.59
N ALA C 285 -29.74 -18.90 -0.45
CA ALA C 285 -28.58 -19.24 -1.26
C ALA C 285 -28.03 -20.63 -0.93
N VAL C 286 -28.00 -20.98 0.37
CA VAL C 286 -27.55 -22.32 0.73
C VAL C 286 -28.48 -23.37 0.10
N ALA C 287 -29.79 -23.11 0.15
CA ALA C 287 -30.71 -24.06 -0.44
C ALA C 287 -30.49 -24.17 -1.95
N LEU C 288 -30.26 -23.03 -2.61
CA LEU C 288 -30.06 -23.06 -4.06
C LEU C 288 -28.75 -23.75 -4.44
N ILE C 289 -27.70 -23.59 -3.63
CA ILE C 289 -26.45 -24.30 -3.89
C ILE C 289 -26.67 -25.80 -3.79
N GLY C 290 -27.38 -26.25 -2.75
CA GLY C 290 -27.62 -27.67 -2.56
C GLY C 290 -28.50 -28.31 -3.63
N ALA C 291 -29.24 -27.50 -4.38
CA ALA C 291 -30.15 -28.03 -5.38
C ALA C 291 -29.46 -28.38 -6.69
N GLU C 292 -28.17 -28.10 -6.82
CA GLU C 292 -27.45 -28.32 -8.07
C GLU C 292 -26.23 -29.19 -7.85
N ASP C 293 -25.70 -29.71 -8.96
CA ASP C 293 -24.48 -30.51 -8.97
C ASP C 293 -23.28 -29.59 -9.19
N TRP C 294 -22.23 -29.77 -8.37
CA TRP C 294 -21.05 -28.91 -8.45
C TRP C 294 -19.77 -29.68 -8.71
N THR C 295 -19.86 -30.97 -9.08
CA THR C 295 -18.69 -31.81 -9.29
C THR C 295 -17.67 -31.15 -10.21
N LYS C 296 -18.10 -30.67 -11.39
CA LYS C 296 -17.15 -30.11 -12.35
C LYS C 296 -16.57 -28.78 -11.87
N THR C 297 -17.41 -27.92 -11.27
CA THR C 297 -16.93 -26.65 -10.74
C THR C 297 -15.90 -26.86 -9.63
N ILE C 298 -16.15 -27.84 -8.75
CA ILE C 298 -15.18 -28.13 -7.69
C ILE C 298 -13.87 -28.64 -8.27
N GLU C 299 -13.94 -29.53 -9.26
CA GLU C 299 -12.71 -30.03 -9.88
C GLU C 299 -11.96 -28.91 -10.58
N ALA C 300 -12.68 -27.98 -11.19
CA ALA C 300 -12.02 -26.86 -11.86
C ALA C 300 -11.38 -25.91 -10.85
N ASN C 301 -12.03 -25.70 -9.69
CA ASN C 301 -11.39 -24.94 -8.62
C ASN C 301 -10.06 -25.54 -8.22
N LYS C 302 -10.04 -26.87 -8.03
CA LYS C 302 -8.81 -27.55 -7.65
C LYS C 302 -7.77 -27.49 -8.76
N ALA C 303 -8.20 -27.62 -10.02
CA ALA C 303 -7.25 -27.61 -11.13
C ALA C 303 -6.63 -26.23 -11.33
N LEU C 304 -7.37 -25.16 -11.00
CA LEU C 304 -6.80 -23.82 -11.11
C LEU C 304 -5.67 -23.62 -10.10
N VAL C 305 -5.80 -24.18 -8.91
CA VAL C 305 -4.70 -24.12 -7.95
C VAL C 305 -3.46 -24.82 -8.52
N MET C 306 -3.64 -26.03 -9.06
CA MET C 306 -2.48 -26.78 -9.54
C MET C 306 -1.81 -26.07 -10.70
N SER C 307 -2.60 -25.48 -11.61
CA SER C 307 -2.03 -24.82 -12.77
C SER C 307 -1.35 -23.51 -12.41
N SER C 308 -1.55 -23.01 -11.20
CA SER C 308 -0.92 -21.78 -10.75
C SER C 308 0.36 -22.03 -9.96
N ARG C 309 0.76 -23.29 -9.81
CA ARG C 309 1.99 -23.61 -9.07
C ARG C 309 3.17 -23.38 -10.00
N LEU C 310 3.83 -22.22 -9.87
CA LEU C 310 4.96 -21.88 -10.72
C LEU C 310 6.08 -22.91 -10.59
N ASP C 311 6.33 -23.37 -9.36
CA ASP C 311 7.46 -24.28 -9.13
C ASP C 311 7.23 -25.62 -9.81
N LEU C 312 5.98 -26.01 -10.02
CA LEU C 312 5.71 -27.27 -10.70
C LEU C 312 5.72 -27.13 -12.22
N LEU C 313 5.25 -25.98 -12.75
CA LEU C 313 5.24 -25.76 -14.20
C LEU C 313 6.63 -25.52 -14.77
N HIS C 314 7.54 -24.93 -13.98
CA HIS C 314 8.91 -24.77 -14.47
C HIS C 314 9.60 -26.11 -14.71
N GLN C 315 9.21 -27.14 -13.96
CA GLN C 315 9.84 -28.45 -14.08
C GLN C 315 9.03 -29.41 -14.96
#